data_4R9G
#
_entry.id   4R9G
#
_cell.length_a   63.331
_cell.length_b   101.744
_cell.length_c   67.775
_cell.angle_alpha   90.00
_cell.angle_beta   116.71
_cell.angle_gamma   90.00
#
_symmetry.space_group_name_H-M   'P 1 21 1'
#
loop_
_entity.id
_entity.type
_entity.pdbx_description
1 polymer MBP1
2 branched beta-D-mannopyranose-(1-4)-beta-D-mannopyranose-(1-4)-alpha-D-mannopyranose
3 non-polymer 'ZINC ION'
4 water water
#
_entity_poly.entity_id   1
_entity_poly.type   'polypeptide(L)'
_entity_poly.pdbx_seq_one_letter_code
;MSKIFLKGKAIIAMLLVIAVLAFAGCSGSSTKNSSTNGNKKQVVLTLWYPWAGPDGDAVVSLAKEYSKTHPNVQIKAQMV
SGAGIAATQGGGQGKFLSAVAAGNPPDLVLYWGQDALPGLADQGAIIPLDDYLKDVDTSKFFEAAYNAMKYKGKIYGLPE
MVNVRVLFWNKDLFKQAGLDPNTPPKTIAELDQMAAKLTKTKNGTIEQMGFIPWIGQGVPHVMAGVFGTSLVDSNGNPIL
SPDKNPQLLNLLKWEVSYSDKYGAMNINKFIAGMSQNSSQANDPFVLGKVAMMISGEWQINANKQYNPKLNFGVGPIPQA
PGGKPMPSLMDGNTWMIPKGSKHPQEAMDFIKWTMDPQRIADTADKVYNIAPIVEAAKIQKLNNDPYFKEVLNVAQKGSI
YYTPAAKGMLSTETAANNAFQAAQYKKSTPEQALKNAQAEAEKSLSQ
;
_entity_poly.pdbx_strand_id   A,B
#
loop_
_chem_comp.id
_chem_comp.type
_chem_comp.name
_chem_comp.formula
BMA D-saccharide, beta linking beta-D-mannopyranose 'C6 H12 O6'
MAN D-saccharide, alpha linking alpha-D-mannopyranose 'C6 H12 O6'
ZN non-polymer 'ZINC ION' 'Zn 2'
#
# COMPACT_ATOMS: atom_id res chain seq x y z
N GLN A 42 2.95 -25.99 -23.75
CA GLN A 42 1.87 -25.84 -24.77
C GLN A 42 0.67 -25.06 -24.25
N VAL A 43 -0.04 -25.66 -23.27
CA VAL A 43 -1.21 -25.07 -22.64
C VAL A 43 -0.80 -23.96 -21.68
N VAL A 44 -1.45 -22.80 -21.81
CA VAL A 44 -1.11 -21.64 -20.98
C VAL A 44 -2.31 -21.19 -20.15
N LEU A 45 -2.17 -21.34 -18.84
CA LEU A 45 -3.25 -21.06 -17.92
C LEU A 45 -3.12 -19.66 -17.33
N THR A 46 -4.19 -18.88 -17.46
CA THR A 46 -4.26 -17.53 -16.92
C THR A 46 -5.00 -17.63 -15.61
N LEU A 47 -4.44 -17.04 -14.56
CA LEU A 47 -5.03 -17.00 -13.23
C LEU A 47 -5.00 -15.58 -12.66
N TRP A 48 -6.13 -15.12 -12.15
CA TRP A 48 -6.23 -13.85 -11.49
C TRP A 48 -6.27 -14.07 -9.99
N TYR A 49 -5.43 -13.36 -9.27
CA TYR A 49 -5.48 -13.34 -7.82
C TYR A 49 -5.70 -11.89 -7.36
N PRO A 50 -6.36 -11.69 -6.20
CA PRO A 50 -6.99 -10.39 -5.91
C PRO A 50 -6.16 -9.37 -5.08
N TRP A 51 -4.90 -9.68 -4.77
CA TRP A 51 -4.04 -8.77 -3.98
C TRP A 51 -2.55 -9.01 -4.24
N ALA A 52 -1.75 -7.99 -3.97
CA ALA A 52 -0.30 -8.03 -4.07
C ALA A 52 0.29 -8.37 -2.69
N GLY A 53 1.44 -7.81 -2.33
CA GLY A 53 2.09 -8.17 -1.06
C GLY A 53 2.44 -9.65 -0.90
N PRO A 54 2.44 -10.16 0.36
CA PRO A 54 2.87 -11.54 0.65
C PRO A 54 1.93 -12.59 0.08
N ASP A 55 0.62 -12.33 0.15
CA ASP A 55 -0.36 -13.29 -0.37
C ASP A 55 -0.20 -13.39 -1.86
N GLY A 56 0.07 -12.26 -2.50
CA GLY A 56 0.30 -12.21 -3.94
C GLY A 56 1.50 -13.06 -4.29
N ASP A 57 2.58 -12.91 -3.54
CA ASP A 57 3.82 -13.64 -3.81
C ASP A 57 3.67 -15.13 -3.64
N ALA A 58 3.05 -15.53 -2.52
CA ALA A 58 2.71 -16.92 -2.24
C ALA A 58 1.99 -17.59 -3.41
N VAL A 59 0.97 -16.91 -3.93
CA VAL A 59 0.23 -17.38 -5.11
C VAL A 59 1.11 -17.49 -6.37
N VAL A 60 1.93 -16.48 -6.62
CA VAL A 60 2.79 -16.46 -7.80
C VAL A 60 3.82 -17.62 -7.74
N SER A 61 4.33 -17.83 -6.54
CA SER A 61 5.23 -18.91 -6.20
C SER A 61 4.56 -20.31 -6.33
N LEU A 62 3.30 -20.46 -5.91
CA LEU A 62 2.55 -21.70 -6.17
C LEU A 62 2.43 -21.99 -7.68
N ALA A 63 2.04 -20.97 -8.45
CA ALA A 63 1.96 -21.11 -9.90
C ALA A 63 3.30 -21.53 -10.53
N LYS A 64 4.38 -20.87 -10.10
CA LYS A 64 5.74 -21.12 -10.56
C LYS A 64 6.15 -22.55 -10.38
N GLU A 65 6.00 -23.01 -9.13
CA GLU A 65 6.38 -24.34 -8.71
C GLU A 65 5.46 -25.43 -9.32
N TYR A 66 4.20 -25.10 -9.58
CA TYR A 66 3.34 -26.04 -10.33
C TYR A 66 3.82 -26.17 -11.80
N SER A 67 4.15 -25.04 -12.42
CA SER A 67 4.55 -25.05 -13.82
C SER A 67 5.90 -25.76 -14.06
N LYS A 68 6.75 -25.79 -13.03
CA LYS A 68 8.03 -26.49 -13.06
C LYS A 68 7.87 -27.99 -13.20
N THR A 69 6.95 -28.57 -12.43
CA THR A 69 6.73 -30.02 -12.47
C THR A 69 5.57 -30.42 -13.37
N HIS A 70 5.02 -29.44 -14.08
CA HIS A 70 4.00 -29.70 -15.11
C HIS A 70 4.38 -28.98 -16.40
N PRO A 71 5.40 -29.50 -17.13
CA PRO A 71 5.94 -28.86 -18.34
C PRO A 71 4.88 -28.53 -19.40
N ASN A 72 3.77 -29.30 -19.39
CA ASN A 72 2.71 -29.15 -20.37
C ASN A 72 1.62 -28.15 -19.99
N VAL A 73 1.73 -27.61 -18.77
CA VAL A 73 0.76 -26.66 -18.22
C VAL A 73 1.49 -25.49 -17.56
N GLN A 74 1.78 -24.44 -18.32
CA GLN A 74 2.39 -23.25 -17.74
C GLN A 74 1.29 -22.35 -17.19
N ILE A 75 1.50 -21.82 -16.00
CA ILE A 75 0.51 -20.91 -15.43
C ILE A 75 1.04 -19.49 -15.45
N LYS A 76 0.21 -18.58 -15.91
CA LYS A 76 0.54 -17.16 -15.84
C LYS A 76 -0.41 -16.49 -14.85
N ALA A 77 0.15 -15.99 -13.75
CA ALA A 77 -0.60 -15.34 -12.68
C ALA A 77 -0.55 -13.83 -12.76
N GLN A 78 -1.71 -13.20 -12.87
CA GLN A 78 -1.81 -11.76 -12.95
C GLN A 78 -2.62 -11.22 -11.77
N MET A 79 -2.05 -10.24 -11.06
CA MET A 79 -2.77 -9.57 -9.99
C MET A 79 -3.80 -8.65 -10.61
N VAL A 80 -5.07 -8.86 -10.24
CA VAL A 80 -6.17 -7.99 -10.59
C VAL A 80 -7.00 -7.74 -9.35
N SER A 81 -7.02 -6.49 -8.87
CA SER A 81 -7.58 -6.16 -7.54
C SER A 81 -9.02 -6.64 -7.32
N GLY A 82 -9.25 -7.36 -6.22
CA GLY A 82 -10.57 -7.94 -5.94
C GLY A 82 -11.02 -8.96 -6.96
N ALA A 83 -10.05 -9.59 -7.64
CA ALA A 83 -10.31 -10.41 -8.81
C ALA A 83 -11.29 -9.77 -9.80
N GLY A 84 -11.43 -8.43 -9.74
CA GLY A 84 -12.31 -7.67 -10.66
C GLY A 84 -13.78 -7.94 -10.41
N ILE A 85 -14.09 -8.32 -9.18
CA ILE A 85 -15.41 -8.79 -8.81
C ILE A 85 -16.02 -7.96 -7.67
N ALA A 86 -15.17 -7.54 -6.71
CA ALA A 86 -15.63 -7.04 -5.40
C ALA A 86 -16.44 -5.74 -5.46
N ALA A 87 -17.56 -5.75 -4.73
CA ALA A 87 -18.59 -4.70 -4.75
C ALA A 87 -18.07 -3.28 -5.03
N LYS A 95 -14.20 -5.76 -13.73
CA LYS A 95 -13.41 -6.41 -14.81
C LYS A 95 -13.74 -7.89 -15.04
N PHE A 96 -14.20 -8.57 -14.00
CA PHE A 96 -14.53 -9.97 -14.16
C PHE A 96 -15.69 -10.26 -15.12
N LEU A 97 -16.85 -9.62 -14.93
CA LEU A 97 -18.01 -9.76 -15.86
C LEU A 97 -17.79 -9.15 -17.25
N SER A 98 -16.97 -8.08 -17.31
CA SER A 98 -16.58 -7.46 -18.58
C SER A 98 -15.91 -8.48 -19.48
N ALA A 99 -14.93 -9.18 -18.93
CA ALA A 99 -14.12 -10.17 -19.63
C ALA A 99 -14.90 -11.46 -19.96
N VAL A 100 -15.77 -11.93 -19.05
CA VAL A 100 -16.68 -13.03 -19.35
C VAL A 100 -17.62 -12.68 -20.52
N ALA A 101 -18.16 -11.47 -20.53
CA ALA A 101 -19.07 -11.03 -21.60
C ALA A 101 -18.34 -10.95 -22.95
N ALA A 102 -17.09 -10.50 -22.92
CA ALA A 102 -16.27 -10.37 -24.13
C ALA A 102 -15.70 -11.71 -24.62
N GLY A 103 -15.90 -12.78 -23.84
CA GLY A 103 -15.44 -14.13 -24.21
C GLY A 103 -13.97 -14.35 -23.91
N ASN A 104 -13.41 -13.44 -23.10
CA ASN A 104 -11.98 -13.31 -22.91
C ASN A 104 -11.47 -13.62 -21.48
N PRO A 105 -12.21 -14.44 -20.71
CA PRO A 105 -11.95 -14.44 -19.26
C PRO A 105 -10.73 -15.28 -18.87
N PRO A 106 -10.20 -15.08 -17.64
CA PRO A 106 -9.10 -15.95 -17.20
C PRO A 106 -9.59 -17.39 -17.10
N ASP A 107 -8.68 -18.34 -17.04
CA ASP A 107 -9.14 -19.73 -16.91
C ASP A 107 -9.45 -20.11 -15.47
N LEU A 108 -9.14 -19.21 -14.55
CA LEU A 108 -9.21 -19.50 -13.12
C LEU A 108 -9.08 -18.19 -12.34
N VAL A 109 -9.92 -17.99 -11.32
CA VAL A 109 -9.80 -16.83 -10.41
C VAL A 109 -9.78 -17.18 -8.93
N LEU A 110 -9.08 -16.35 -8.15
CA LEU A 110 -9.08 -16.47 -6.71
C LEU A 110 -9.73 -15.20 -6.19
N TYR A 111 -10.89 -15.33 -5.56
CA TYR A 111 -11.55 -14.20 -4.95
C TYR A 111 -11.33 -14.13 -3.41
N TRP A 112 -11.43 -12.96 -2.81
CA TRP A 112 -11.03 -12.80 -1.41
C TRP A 112 -12.16 -12.95 -0.40
N GLY A 113 -13.28 -13.52 -0.84
CA GLY A 113 -14.43 -13.70 0.02
C GLY A 113 -15.35 -14.78 -0.52
N GLN A 114 -16.60 -14.74 -0.10
CA GLN A 114 -17.55 -15.78 -0.47
C GLN A 114 -18.85 -15.14 -0.94
N ASP A 115 -18.99 -13.84 -0.70
CA ASP A 115 -20.25 -13.12 -0.92
C ASP A 115 -20.71 -13.00 -2.37
N ALA A 116 -19.77 -12.88 -3.29
CA ALA A 116 -20.06 -12.76 -4.73
C ALA A 116 -20.57 -14.03 -5.42
N LEU A 117 -20.34 -15.19 -4.80
CA LEU A 117 -20.59 -16.47 -5.48
C LEU A 117 -22.05 -16.69 -6.00
N PRO A 118 -23.08 -16.54 -5.15
CA PRO A 118 -24.46 -16.68 -5.66
C PRO A 118 -24.76 -15.83 -6.91
N GLY A 119 -24.44 -14.54 -6.86
CA GLY A 119 -24.67 -13.64 -7.98
C GLY A 119 -23.95 -14.10 -9.25
N LEU A 120 -22.70 -14.53 -9.13
CA LEU A 120 -21.95 -14.96 -10.32
C LEU A 120 -22.54 -16.25 -10.91
N ALA A 121 -23.03 -17.12 -10.04
CA ALA A 121 -23.55 -18.40 -10.45
C ALA A 121 -24.94 -18.24 -11.09
N ASP A 122 -25.80 -17.39 -10.49
CA ASP A 122 -27.11 -17.10 -11.03
C ASP A 122 -27.08 -16.51 -12.44
N GLN A 123 -26.06 -15.70 -12.73
CA GLN A 123 -25.87 -15.15 -14.09
C GLN A 123 -25.15 -16.14 -15.01
N GLY A 124 -24.72 -17.27 -14.46
CA GLY A 124 -23.89 -18.21 -15.21
C GLY A 124 -22.55 -17.62 -15.61
N ALA A 125 -22.02 -16.66 -14.83
CA ALA A 125 -20.66 -16.15 -15.07
C ALA A 125 -19.57 -17.14 -14.62
N ILE A 126 -19.91 -18.03 -13.70
CA ILE A 126 -18.98 -19.11 -13.31
C ILE A 126 -19.65 -20.44 -13.58
N ILE A 127 -18.86 -21.47 -13.84
CA ILE A 127 -19.38 -22.79 -14.20
C ILE A 127 -19.60 -23.65 -12.95
N PRO A 128 -20.58 -24.58 -13.02
CA PRO A 128 -20.69 -25.58 -11.95
C PRO A 128 -19.53 -26.60 -12.05
N LEU A 129 -19.03 -27.03 -10.88
CA LEU A 129 -17.82 -27.87 -10.76
C LEU A 129 -18.07 -29.34 -10.41
N ASP A 130 -19.32 -29.70 -10.19
CA ASP A 130 -19.71 -31.09 -9.87
C ASP A 130 -19.00 -32.17 -10.71
N ASP A 131 -18.99 -32.00 -12.02
CA ASP A 131 -18.35 -32.99 -12.92
C ASP A 131 -16.83 -33.14 -12.75
N TYR A 132 -16.18 -32.12 -12.18
CA TYR A 132 -14.73 -32.20 -11.91
C TYR A 132 -14.42 -32.67 -10.48
N LEU A 133 -15.44 -32.94 -9.67
CA LEU A 133 -15.21 -33.24 -8.25
C LEU A 133 -15.47 -34.67 -7.79
N LYS A 134 -15.67 -35.62 -8.71
CA LYS A 134 -15.97 -36.98 -8.24
C LYS A 134 -14.73 -37.77 -7.73
N ASP A 135 -13.53 -37.29 -8.04
CA ASP A 135 -12.31 -37.87 -7.47
C ASP A 135 -11.70 -37.04 -6.32
N VAL A 136 -12.39 -35.98 -5.91
CA VAL A 136 -11.94 -35.17 -4.79
C VAL A 136 -12.80 -35.50 -3.56
N ASP A 137 -12.14 -35.83 -2.46
CA ASP A 137 -12.82 -36.11 -1.21
C ASP A 137 -13.17 -34.77 -0.54
N THR A 138 -14.33 -34.21 -0.90
CA THR A 138 -14.73 -32.89 -0.41
C THR A 138 -15.06 -32.87 1.10
N SER A 139 -15.18 -34.05 1.72
CA SER A 139 -15.38 -34.12 3.17
C SER A 139 -14.10 -33.78 3.95
N LYS A 140 -12.98 -33.62 3.25
CA LYS A 140 -11.73 -33.21 3.91
C LYS A 140 -11.68 -31.70 4.23
N PHE A 141 -12.46 -30.92 3.50
CA PHE A 141 -12.68 -29.51 3.81
C PHE A 141 -13.44 -29.33 5.11
N PHE A 142 -13.16 -28.23 5.81
CA PHE A 142 -14.06 -27.69 6.84
C PHE A 142 -15.44 -27.55 6.22
N GLU A 143 -16.44 -28.01 6.96
CA GLU A 143 -17.79 -28.15 6.44
C GLU A 143 -18.46 -26.82 6.04
N ALA A 144 -18.33 -25.79 6.89
CA ALA A 144 -18.87 -24.46 6.62
C ALA A 144 -18.26 -23.87 5.35
N ALA A 145 -16.94 -23.92 5.24
CA ALA A 145 -16.25 -23.38 4.08
C ALA A 145 -16.71 -24.11 2.80
N TYR A 146 -16.83 -25.43 2.85
CA TYR A 146 -17.37 -26.14 1.70
C TYR A 146 -18.86 -25.82 1.45
N ASN A 147 -19.63 -25.68 2.52
CA ASN A 147 -21.08 -25.40 2.43
C ASN A 147 -21.36 -24.08 1.71
N ALA A 148 -20.49 -23.10 1.95
CA ALA A 148 -20.45 -21.83 1.22
C ALA A 148 -20.33 -21.98 -0.31
N MET A 149 -19.84 -23.12 -0.78
CA MET A 149 -19.68 -23.30 -2.22
C MET A 149 -20.96 -23.66 -2.96
N LYS A 150 -21.97 -24.17 -2.26
CA LYS A 150 -23.20 -24.68 -2.90
C LYS A 150 -24.21 -23.58 -3.21
N TYR A 151 -24.70 -23.56 -4.44
CA TYR A 151 -25.81 -22.70 -4.80
C TYR A 151 -26.80 -23.45 -5.73
N LYS A 152 -28.11 -23.17 -5.56
CA LYS A 152 -29.18 -23.99 -6.19
C LYS A 152 -28.68 -25.37 -6.66
N GLY A 153 -28.30 -26.22 -5.71
CA GLY A 153 -27.97 -27.62 -5.98
C GLY A 153 -26.62 -27.98 -6.59
N LYS A 154 -25.75 -26.99 -6.81
CA LYS A 154 -24.47 -27.24 -7.47
C LYS A 154 -23.32 -26.54 -6.75
N ILE A 155 -22.10 -27.06 -6.93
CA ILE A 155 -20.87 -26.46 -6.41
C ILE A 155 -20.27 -25.50 -7.45
N TYR A 156 -19.96 -24.29 -7.01
CA TYR A 156 -19.45 -23.25 -7.92
C TYR A 156 -18.08 -22.71 -7.49
N GLY A 157 -17.49 -23.31 -6.46
CA GLY A 157 -16.17 -22.88 -6.07
C GLY A 157 -15.56 -23.86 -5.11
N LEU A 158 -14.26 -23.69 -4.85
CA LEU A 158 -13.58 -24.37 -3.78
C LEU A 158 -12.86 -23.38 -2.87
N PRO A 159 -13.04 -23.54 -1.55
CA PRO A 159 -12.40 -22.69 -0.55
C PRO A 159 -10.88 -22.76 -0.66
N GLU A 160 -10.21 -21.63 -0.64
CA GLU A 160 -8.76 -21.62 -0.79
C GLU A 160 -8.06 -21.41 0.56
N MET A 161 -8.71 -20.67 1.46
CA MET A 161 -8.24 -20.39 2.83
C MET A 161 -9.48 -20.10 3.69
N VAL A 162 -9.36 -20.25 5.01
CA VAL A 162 -10.42 -19.83 5.94
C VAL A 162 -9.93 -18.55 6.63
N ASN A 163 -10.86 -17.61 6.88
CA ASN A 163 -10.55 -16.40 7.61
C ASN A 163 -11.53 -16.07 8.74
N VAL A 164 -11.02 -15.43 9.79
CA VAL A 164 -11.85 -14.91 10.88
C VAL A 164 -11.63 -13.41 11.08
N ARG A 165 -12.56 -12.77 11.78
CA ARG A 165 -12.41 -11.35 12.11
C ARG A 165 -12.11 -11.23 13.60
N VAL A 166 -11.17 -10.38 13.93
CA VAL A 166 -10.75 -10.23 15.29
C VAL A 166 -10.43 -8.76 15.58
N LEU A 167 -10.30 -8.46 16.88
CA LEU A 167 -9.78 -7.19 17.36
C LEU A 167 -8.27 -7.27 17.67
N PHE A 168 -7.54 -6.33 17.10
CA PHE A 168 -6.14 -6.07 17.47
C PHE A 168 -6.06 -4.87 18.39
N TRP A 169 -5.13 -4.89 19.32
CA TRP A 169 -4.86 -3.72 20.19
C TRP A 169 -3.34 -3.57 20.40
N ASN A 170 -2.91 -2.32 20.57
CA ASN A 170 -1.50 -1.99 20.66
C ASN A 170 -1.14 -1.91 22.13
N LYS A 171 -0.35 -2.88 22.56
CA LYS A 171 0.04 -3.01 23.96
C LYS A 171 0.87 -1.83 24.51
N ASP A 172 1.75 -1.25 23.69
CA ASP A 172 2.53 -0.05 24.14
C ASP A 172 1.61 1.15 24.45
N LEU A 173 0.69 1.43 23.53
CA LEU A 173 -0.25 2.52 23.72
C LEU A 173 -1.17 2.23 24.90
N PHE A 174 -1.61 0.98 25.05
CA PHE A 174 -2.38 0.60 26.25
C PHE A 174 -1.59 0.96 27.53
N LYS A 175 -0.33 0.51 27.62
CA LYS A 175 0.48 0.74 28.83
C LYS A 175 0.63 2.22 29.10
N GLN A 176 0.79 3.00 28.03
CA GLN A 176 0.85 4.46 28.09
C GLN A 176 -0.40 5.11 28.65
N ALA A 177 -1.58 4.53 28.42
CA ALA A 177 -2.81 5.12 28.95
C ALA A 177 -3.14 4.54 30.33
N GLY A 178 -2.24 3.72 30.84
CA GLY A 178 -2.46 3.00 32.09
C GLY A 178 -3.50 1.91 31.95
N LEU A 179 -3.54 1.26 30.78
CA LEU A 179 -4.49 0.15 30.59
C LEU A 179 -3.78 -1.20 30.66
N ASP A 180 -4.39 -2.17 31.33
CA ASP A 180 -3.81 -3.50 31.43
C ASP A 180 -3.65 -4.04 29.99
N PRO A 181 -2.41 -4.29 29.55
CA PRO A 181 -2.20 -4.64 28.13
C PRO A 181 -2.74 -6.01 27.72
N ASN A 182 -3.22 -6.81 28.65
CA ASN A 182 -3.81 -8.07 28.24
C ASN A 182 -5.30 -8.12 28.56
N THR A 183 -5.91 -6.95 28.64
CA THR A 183 -7.33 -6.87 28.93
C THR A 183 -8.02 -6.10 27.84
N PRO A 184 -8.43 -6.81 26.79
CA PRO A 184 -9.15 -6.24 25.66
C PRO A 184 -10.55 -5.84 26.12
N PRO A 185 -11.22 -4.89 25.43
CA PRO A 185 -12.62 -4.61 25.76
C PRO A 185 -13.55 -5.74 25.32
N LYS A 186 -14.53 -6.04 26.16
CA LYS A 186 -15.48 -7.13 26.02
C LYS A 186 -16.80 -6.68 25.40
N THR A 187 -17.19 -5.45 25.72
CA THR A 187 -18.38 -4.82 25.14
C THR A 187 -17.98 -3.57 24.33
N ILE A 188 -18.89 -3.12 23.47
CA ILE A 188 -18.69 -1.89 22.73
C ILE A 188 -18.55 -0.68 23.67
N ALA A 189 -19.32 -0.64 24.75
CA ALA A 189 -19.23 0.47 25.70
C ALA A 189 -17.84 0.51 26.38
N GLU A 190 -17.30 -0.65 26.75
CA GLU A 190 -15.92 -0.74 27.23
C GLU A 190 -14.95 -0.21 26.16
N LEU A 191 -15.19 -0.62 24.91
CA LEU A 191 -14.39 -0.22 23.76
C LEU A 191 -14.37 1.29 23.61
N ASP A 192 -15.56 1.89 23.59
CA ASP A 192 -15.74 3.35 23.50
C ASP A 192 -15.02 4.06 24.63
N GLN A 193 -15.14 3.51 25.84
CA GLN A 193 -14.48 4.08 27.01
C GLN A 193 -12.95 4.04 26.86
N MET A 194 -12.42 2.86 26.56
CA MET A 194 -10.99 2.69 26.35
C MET A 194 -10.50 3.59 25.23
N ALA A 195 -11.23 3.61 24.11
CA ALA A 195 -10.86 4.45 22.96
C ALA A 195 -10.76 5.96 23.28
N ALA A 196 -11.51 6.43 24.27
CA ALA A 196 -11.41 7.83 24.71
C ALA A 196 -10.15 8.09 25.53
N LYS A 197 -9.78 7.12 26.38
CA LYS A 197 -8.51 7.14 27.09
C LYS A 197 -7.32 7.15 26.13
N LEU A 198 -7.45 6.51 24.97
CA LEU A 198 -6.30 6.30 24.08
C LEU A 198 -6.20 7.35 22.97
N THR A 199 -7.12 8.29 22.97
CA THR A 199 -7.18 9.35 21.97
C THR A 199 -6.58 10.64 22.51
N LYS A 200 -5.59 11.16 21.78
CA LYS A 200 -4.92 12.37 22.15
C LYS A 200 -5.06 13.39 21.02
N THR A 201 -5.77 14.48 21.30
CA THR A 201 -5.91 15.61 20.37
C THR A 201 -5.33 16.90 20.95
N LYS A 202 -4.82 17.76 20.06
CA LYS A 202 -4.30 19.07 20.42
C LYS A 202 -5.03 20.19 19.68
N ASN A 203 -6.04 20.75 20.35
CA ASN A 203 -6.88 21.82 19.80
C ASN A 203 -7.65 21.41 18.51
N GLY A 204 -8.17 20.18 18.53
CA GLY A 204 -8.93 19.64 17.40
C GLY A 204 -8.10 18.65 16.61
N THR A 205 -6.84 18.99 16.41
CA THR A 205 -5.88 18.15 15.68
C THR A 205 -5.59 16.84 16.43
N ILE A 206 -5.79 15.72 15.75
CA ILE A 206 -5.53 14.41 16.37
C ILE A 206 -4.07 13.95 16.28
N GLU A 207 -3.49 13.67 17.43
CA GLU A 207 -2.15 13.10 17.50
C GLU A 207 -2.15 11.57 17.68
N GLN A 208 -3.20 11.04 18.30
CA GLN A 208 -3.35 9.59 18.50
C GLN A 208 -4.82 9.21 18.60
N MET A 209 -5.24 8.20 17.83
CA MET A 209 -6.62 7.71 17.87
C MET A 209 -6.73 6.37 18.59
N GLY A 210 -7.70 6.27 19.48
CA GLY A 210 -7.94 5.02 20.19
C GLY A 210 -8.57 3.99 19.29
N PHE A 211 -9.59 4.42 18.53
CA PHE A 211 -10.35 3.53 17.69
C PHE A 211 -11.02 4.29 16.54
N ILE A 212 -10.96 3.76 15.32
CA ILE A 212 -11.86 4.23 14.26
C ILE A 212 -12.71 3.03 13.81
N PRO A 213 -14.03 3.14 13.89
CA PRO A 213 -14.90 1.96 13.65
C PRO A 213 -14.88 1.40 12.23
N TRP A 214 -14.76 2.29 11.25
CA TRP A 214 -14.92 1.91 9.84
C TRP A 214 -13.64 1.55 9.06
N ILE A 215 -12.49 1.57 9.72
CA ILE A 215 -11.25 1.15 9.02
C ILE A 215 -11.00 -0.36 9.21
N GLY A 216 -9.98 -0.89 8.55
CA GLY A 216 -9.70 -2.30 8.67
C GLY A 216 -10.88 -3.12 8.20
N GLN A 217 -11.32 -4.07 8.99
CA GLN A 217 -12.42 -4.89 8.58
C GLN A 217 -13.70 -4.37 9.21
N GLY A 218 -13.66 -3.13 9.70
CA GLY A 218 -14.84 -2.49 10.28
C GLY A 218 -15.90 -2.07 9.26
N VAL A 219 -16.09 -2.85 8.21
CA VAL A 219 -16.97 -2.48 7.09
C VAL A 219 -18.39 -3.06 7.27
N PRO A 220 -19.44 -2.42 6.66
CA PRO A 220 -20.83 -2.83 6.95
C PRO A 220 -21.11 -4.33 6.83
N HIS A 221 -20.65 -4.96 5.75
CA HIS A 221 -20.87 -6.41 5.57
C HIS A 221 -20.23 -7.30 6.66
N VAL A 222 -19.27 -6.77 7.41
CA VAL A 222 -18.74 -7.48 8.56
C VAL A 222 -19.47 -7.06 9.81
N MET A 223 -19.62 -5.76 10.00
CA MET A 223 -20.10 -5.22 11.29
C MET A 223 -21.56 -5.49 11.58
N ALA A 224 -22.41 -5.60 10.53
CA ALA A 224 -23.83 -5.91 10.70
C ALA A 224 -24.06 -7.16 11.55
N GLY A 225 -23.27 -8.20 11.32
CA GLY A 225 -23.40 -9.42 12.11
C GLY A 225 -23.00 -9.20 13.56
N VAL A 226 -22.03 -8.32 13.79
CA VAL A 226 -21.62 -7.92 15.14
C VAL A 226 -22.78 -7.26 15.90
N PHE A 227 -23.58 -6.48 15.19
CA PHE A 227 -24.78 -5.90 15.77
C PHE A 227 -25.99 -6.85 15.59
N GLY A 228 -25.69 -8.13 15.34
CA GLY A 228 -26.69 -9.20 15.36
C GLY A 228 -27.73 -9.14 14.26
N THR A 229 -27.35 -8.58 13.09
CA THR A 229 -28.24 -8.48 11.93
C THR A 229 -27.52 -8.86 10.63
N SER A 230 -28.14 -8.57 9.50
CA SER A 230 -27.55 -8.83 8.18
C SER A 230 -27.99 -7.73 7.21
N LEU A 231 -27.32 -7.62 6.05
CA LEU A 231 -27.73 -6.60 5.06
C LEU A 231 -28.89 -7.05 4.16
N VAL A 232 -29.13 -8.36 4.09
CA VAL A 232 -30.23 -8.93 3.30
C VAL A 232 -31.03 -9.90 4.17
N ASP A 233 -32.31 -10.08 3.88
CA ASP A 233 -33.13 -11.02 4.63
C ASP A 233 -32.94 -12.42 4.06
N SER A 234 -33.64 -13.40 4.66
CA SER A 234 -33.50 -14.81 4.29
C SER A 234 -33.78 -15.09 2.79
N ASN A 235 -34.62 -14.28 2.16
CA ASN A 235 -34.87 -14.34 0.71
C ASN A 235 -33.85 -13.57 -0.13
N GLY A 236 -32.86 -12.96 0.51
CA GLY A 236 -31.83 -12.22 -0.19
C GLY A 236 -32.17 -10.80 -0.63
N ASN A 237 -33.29 -10.26 -0.17
CA ASN A 237 -33.65 -8.84 -0.43
C ASN A 237 -32.95 -7.89 0.55
N PRO A 238 -32.55 -6.69 0.07
CA PRO A 238 -31.96 -5.64 0.93
C PRO A 238 -32.83 -5.29 2.13
N ILE A 239 -32.23 -5.30 3.32
CA ILE A 239 -32.91 -4.81 4.54
C ILE A 239 -32.08 -3.71 5.22
N LEU A 240 -31.97 -2.57 4.55
CA LEU A 240 -31.08 -1.50 5.00
C LEU A 240 -31.78 -0.38 5.78
N SER A 241 -33.07 -0.17 5.50
CA SER A 241 -33.83 0.91 6.14
C SER A 241 -34.07 0.66 7.65
N PRO A 242 -34.16 1.75 8.45
CA PRO A 242 -34.36 1.67 9.90
C PRO A 242 -35.57 0.80 10.26
N ASP A 243 -36.65 0.97 9.49
CA ASP A 243 -37.85 0.19 9.66
C ASP A 243 -37.63 -1.30 9.39
N LYS A 244 -36.84 -1.62 8.39
CA LYS A 244 -36.59 -3.03 8.06
C LYS A 244 -35.45 -3.64 8.88
N ASN A 245 -34.65 -2.79 9.53
CA ASN A 245 -33.44 -3.28 10.19
C ASN A 245 -32.97 -2.36 11.32
N PRO A 246 -33.66 -2.39 12.47
CA PRO A 246 -33.30 -1.45 13.52
C PRO A 246 -31.88 -1.69 14.06
N GLN A 247 -31.38 -2.92 13.95
CA GLN A 247 -30.02 -3.18 14.45
C GLN A 247 -28.96 -2.47 13.61
N LEU A 248 -29.22 -2.35 12.31
CA LEU A 248 -28.30 -1.68 11.38
C LEU A 248 -28.22 -0.18 11.68
N LEU A 249 -29.38 0.43 11.89
CA LEU A 249 -29.41 1.78 12.41
C LEU A 249 -28.55 1.92 13.67
N ASN A 250 -28.74 1.03 14.65
CA ASN A 250 -27.92 1.03 15.86
C ASN A 250 -26.41 1.00 15.54
N LEU A 251 -26.01 0.14 14.60
CA LEU A 251 -24.62 0.07 14.17
C LEU A 251 -24.12 1.42 13.60
N LEU A 252 -24.87 1.99 12.67
CA LEU A 252 -24.44 3.26 12.09
C LEU A 252 -24.39 4.42 13.12
N LYS A 253 -25.38 4.48 14.00
CA LYS A 253 -25.42 5.52 15.08
C LYS A 253 -24.23 5.34 16.02
N TRP A 254 -23.94 4.09 16.38
CA TRP A 254 -22.70 3.83 17.06
C TRP A 254 -21.48 4.42 16.34
N GLU A 255 -21.37 4.19 15.01
CA GLU A 255 -20.19 4.64 14.23
C GLU A 255 -20.10 6.17 14.19
N VAL A 256 -21.21 6.81 13.85
CA VAL A 256 -21.32 8.25 13.74
C VAL A 256 -21.01 9.00 15.06
N SER A 257 -21.16 8.33 16.20
CA SER A 257 -20.76 8.94 17.48
C SER A 257 -19.29 9.31 17.48
N TYR A 258 -18.46 8.51 16.79
CA TYR A 258 -17.03 8.80 16.70
C TYR A 258 -16.76 10.06 15.88
N SER A 259 -17.46 10.20 14.77
CA SER A 259 -17.25 11.37 13.93
C SER A 259 -17.83 12.64 14.58
N ASP A 260 -18.67 12.48 15.60
CA ASP A 260 -19.22 13.60 16.37
C ASP A 260 -18.37 14.00 17.58
N LYS A 261 -17.65 13.05 18.16
CA LYS A 261 -16.69 13.34 19.22
C LYS A 261 -15.51 14.10 18.64
N TYR A 262 -14.98 13.56 17.54
CA TYR A 262 -13.67 13.98 17.05
C TYR A 262 -13.69 14.83 15.80
N GLY A 263 -14.81 14.82 15.08
CA GLY A 263 -14.91 15.51 13.80
C GLY A 263 -14.46 14.58 12.70
N ALA A 264 -15.31 14.44 11.69
CA ALA A 264 -15.02 13.56 10.57
C ALA A 264 -13.80 14.05 9.81
N MET A 265 -13.67 15.38 9.74
CA MET A 265 -12.58 16.02 9.02
C MET A 265 -11.28 15.88 9.78
N ASN A 266 -11.35 15.92 11.10
CA ASN A 266 -10.17 15.67 11.91
C ASN A 266 -9.66 14.23 11.72
N ILE A 267 -10.57 13.27 11.75
CA ILE A 267 -10.22 11.86 11.59
C ILE A 267 -9.61 11.62 10.21
N ASN A 268 -10.22 12.20 9.19
CA ASN A 268 -9.75 12.02 7.83
C ASN A 268 -8.44 12.73 7.51
N LYS A 269 -8.14 13.77 8.26
CA LYS A 269 -6.88 14.45 8.13
C LYS A 269 -5.84 13.57 8.79
N PHE A 270 -6.21 12.95 9.91
CA PHE A 270 -5.30 12.15 10.70
C PHE A 270 -4.78 10.89 9.98
N ILE A 271 -5.64 10.27 9.19
CA ILE A 271 -5.27 9.04 8.46
C ILE A 271 -5.04 9.26 6.95
N ALA A 272 -4.96 10.52 6.54
CA ALA A 272 -4.56 10.86 5.17
C ALA A 272 -3.33 10.07 4.78
N GLY A 273 -3.41 9.43 3.63
CA GLY A 273 -2.27 8.71 3.10
C GLY A 273 -2.13 7.29 3.63
N MET A 274 -3.08 6.84 4.44
CA MET A 274 -2.98 5.49 4.99
C MET A 274 -4.04 4.63 4.35
N SER A 275 -3.68 3.37 4.09
CA SER A 275 -4.59 2.32 3.71
C SER A 275 -5.72 2.24 4.74
N GLN A 276 -6.97 2.13 4.29
CA GLN A 276 -8.12 2.01 5.21
C GLN A 276 -8.63 0.58 5.28
N ASN A 277 -9.18 0.06 4.18
CA ASN A 277 -9.82 -1.25 4.26
C ASN A 277 -9.06 -2.39 3.59
N SER A 278 -7.81 -2.13 3.24
CA SER A 278 -6.87 -3.18 2.84
C SER A 278 -5.69 -3.06 3.77
N SER A 279 -5.20 -4.21 4.21
CA SER A 279 -4.35 -4.22 5.37
C SER A 279 -2.94 -4.46 4.93
N GLN A 280 -2.18 -3.38 5.00
CA GLN A 280 -0.91 -3.28 4.31
C GLN A 280 0.19 -2.73 5.25
N ALA A 281 1.38 -2.50 4.68
CA ALA A 281 2.51 -1.86 5.36
C ALA A 281 2.29 -0.35 5.36
N ASN A 282 1.03 0.04 5.33
CA ASN A 282 0.65 1.42 5.51
C ASN A 282 -0.79 1.60 6.02
N ASP A 283 -1.34 0.62 6.75
CA ASP A 283 -2.60 0.84 7.48
C ASP A 283 -2.29 1.47 8.84
N PRO A 284 -3.28 2.17 9.44
CA PRO A 284 -2.96 2.96 10.62
C PRO A 284 -2.61 2.13 11.87
N PHE A 285 -3.04 0.89 11.96
CA PHE A 285 -2.61 0.06 13.08
C PHE A 285 -1.12 -0.28 13.00
N VAL A 286 -0.68 -0.63 11.80
CA VAL A 286 0.68 -1.11 11.59
C VAL A 286 1.64 0.05 11.86
N LEU A 287 1.16 1.26 11.59
CA LEU A 287 1.94 2.48 11.72
C LEU A 287 2.00 2.96 13.17
N GLY A 288 1.14 2.42 14.02
CA GLY A 288 1.15 2.75 15.43
C GLY A 288 0.32 3.97 15.75
N LYS A 289 -0.64 4.27 14.87
CA LYS A 289 -1.46 5.47 14.99
C LYS A 289 -2.88 5.27 15.57
N VAL A 290 -3.49 4.09 15.35
CA VAL A 290 -4.68 3.70 16.11
C VAL A 290 -4.30 2.64 17.13
N ALA A 291 -4.82 2.79 18.34
CA ALA A 291 -4.60 1.83 19.41
C ALA A 291 -5.33 0.47 19.19
N MET A 292 -6.51 0.52 18.59
CA MET A 292 -7.31 -0.72 18.40
C MET A 292 -7.89 -0.71 16.99
N MET A 293 -8.06 -1.90 16.39
CA MET A 293 -8.57 -2.03 15.04
C MET A 293 -9.23 -3.39 14.86
N ILE A 294 -10.40 -3.43 14.25
CA ILE A 294 -10.95 -4.70 13.81
C ILE A 294 -10.30 -5.08 12.46
N SER A 295 -9.79 -6.29 12.36
CA SER A 295 -9.21 -6.76 11.10
C SER A 295 -9.39 -8.26 10.99
N GLY A 296 -8.80 -8.87 9.97
CA GLY A 296 -8.84 -10.33 9.83
C GLY A 296 -7.60 -10.92 10.50
N GLU A 297 -7.50 -12.24 10.60
CA GLU A 297 -6.37 -12.86 11.27
C GLU A 297 -5.03 -12.67 10.50
N TRP A 298 -5.11 -12.44 9.20
CA TRP A 298 -3.93 -12.14 8.35
C TRP A 298 -3.11 -10.91 8.80
N GLN A 299 -3.77 -9.94 9.43
CA GLN A 299 -3.11 -8.77 10.00
C GLN A 299 -1.88 -9.10 10.88
N ILE A 300 -1.86 -10.29 11.49
CA ILE A 300 -0.72 -10.71 12.28
C ILE A 300 0.52 -10.55 11.40
N ASN A 301 0.45 -11.11 10.18
CA ASN A 301 1.54 -11.01 9.19
C ASN A 301 1.86 -9.57 8.80
N ALA A 302 0.83 -8.76 8.52
CA ALA A 302 1.07 -7.40 8.08
C ALA A 302 1.72 -6.63 9.22
N ASN A 303 1.39 -6.97 10.47
CA ASN A 303 2.03 -6.34 11.62
C ASN A 303 3.52 -6.73 11.69
N LYS A 304 3.77 -8.04 11.66
CA LYS A 304 5.12 -8.56 11.80
C LYS A 304 6.08 -8.14 10.68
N GLN A 305 5.56 -7.98 9.47
CA GLN A 305 6.41 -7.66 8.34
C GLN A 305 6.71 -6.18 8.23
N TYR A 306 5.80 -5.33 8.71
CA TYR A 306 6.06 -3.90 8.70
C TYR A 306 6.94 -3.50 9.89
N ASN A 307 6.60 -3.98 11.07
CA ASN A 307 7.38 -3.70 12.25
C ASN A 307 7.30 -4.86 13.26
N PRO A 308 8.33 -5.74 13.25
CA PRO A 308 8.50 -6.86 14.19
C PRO A 308 8.52 -6.49 15.70
N LYS A 309 8.90 -5.26 16.04
CA LYS A 309 8.92 -4.81 17.45
C LYS A 309 7.58 -4.29 18.00
N LEU A 310 6.59 -4.11 17.13
CA LEU A 310 5.28 -3.61 17.55
C LEU A 310 4.62 -4.64 18.43
N ASN A 311 4.43 -4.32 19.71
CA ASN A 311 3.83 -5.30 20.63
C ASN A 311 2.32 -5.17 20.57
N PHE A 312 1.66 -6.22 20.08
CA PHE A 312 0.23 -6.17 19.87
C PHE A 312 -0.49 -7.36 20.47
N GLY A 313 -1.80 -7.19 20.65
CA GLY A 313 -2.68 -8.23 21.15
C GLY A 313 -3.71 -8.51 20.10
N VAL A 314 -4.19 -9.74 20.04
CA VAL A 314 -5.26 -10.16 19.16
C VAL A 314 -6.27 -10.87 20.03
N GLY A 315 -7.54 -10.57 19.82
CA GLY A 315 -8.59 -11.26 20.54
C GLY A 315 -9.94 -11.02 19.90
N PRO A 316 -11.01 -11.56 20.51
CA PRO A 316 -12.38 -11.44 20.05
C PRO A 316 -12.88 -10.00 19.89
N ILE A 317 -13.73 -9.79 18.90
CA ILE A 317 -14.45 -8.53 18.70
C ILE A 317 -15.36 -8.32 19.94
N PRO A 318 -15.45 -7.07 20.46
CA PRO A 318 -16.35 -6.73 21.58
C PRO A 318 -17.80 -6.97 21.21
N GLN A 319 -18.56 -7.51 22.15
CA GLN A 319 -20.00 -7.72 21.97
C GLN A 319 -20.77 -6.40 21.85
N ALA A 320 -21.73 -6.36 20.94
CA ALA A 320 -22.61 -5.22 20.74
C ALA A 320 -23.99 -5.52 21.32
N PRO A 321 -24.71 -4.50 21.84
CA PRO A 321 -26.06 -4.78 22.37
C PRO A 321 -26.96 -5.19 21.21
N GLY A 322 -27.78 -6.21 21.43
CA GLY A 322 -28.49 -6.89 20.34
C GLY A 322 -27.67 -7.98 19.67
N GLY A 323 -26.36 -8.04 19.96
CA GLY A 323 -25.48 -9.07 19.38
C GLY A 323 -25.00 -10.12 20.36
N LYS A 324 -24.37 -11.16 19.83
CA LYS A 324 -23.86 -12.27 20.62
C LYS A 324 -22.45 -11.97 21.17
N PRO A 325 -22.05 -12.65 22.26
CA PRO A 325 -20.67 -12.47 22.77
C PRO A 325 -19.66 -12.99 21.76
N MET A 326 -18.45 -12.41 21.80
CA MET A 326 -17.34 -12.75 20.91
C MET A 326 -17.74 -13.00 19.45
N PRO A 327 -18.42 -12.01 18.84
CA PRO A 327 -18.95 -12.21 17.50
C PRO A 327 -17.83 -12.30 16.49
N SER A 328 -17.95 -13.20 15.52
CA SER A 328 -16.98 -13.25 14.44
C SER A 328 -17.53 -13.81 13.13
N LEU A 329 -17.31 -13.09 12.03
CA LEU A 329 -17.60 -13.62 10.73
C LEU A 329 -16.48 -14.61 10.40
N MET A 330 -16.87 -15.80 9.97
CA MET A 330 -15.92 -16.75 9.40
C MET A 330 -16.18 -16.87 7.90
N ASP A 331 -15.16 -16.64 7.08
CA ASP A 331 -15.36 -16.74 5.64
C ASP A 331 -14.11 -17.34 5.02
N GLY A 332 -13.79 -16.94 3.80
CA GLY A 332 -12.59 -17.43 3.15
C GLY A 332 -12.43 -16.98 1.72
N ASN A 333 -11.29 -17.33 1.15
CA ASN A 333 -10.99 -17.08 -0.25
C ASN A 333 -11.59 -18.23 -1.03
N THR A 334 -12.03 -17.96 -2.26
CA THR A 334 -12.58 -19.03 -3.03
C THR A 334 -12.10 -19.00 -4.46
N TRP A 335 -11.84 -20.19 -4.99
CA TRP A 335 -11.51 -20.44 -6.41
C TRP A 335 -12.78 -20.60 -7.20
N MET A 336 -12.84 -19.95 -8.35
CA MET A 336 -13.98 -20.10 -9.26
C MET A 336 -13.47 -20.22 -10.68
N ILE A 337 -14.22 -20.94 -11.49
CA ILE A 337 -13.84 -21.10 -12.88
C ILE A 337 -14.92 -20.43 -13.69
N PRO A 338 -14.53 -19.42 -14.48
CA PRO A 338 -15.52 -18.66 -15.23
C PRO A 338 -16.06 -19.33 -16.51
N LYS A 339 -17.27 -18.91 -16.90
CA LYS A 339 -17.84 -19.27 -18.20
C LYS A 339 -16.89 -18.76 -19.29
N GLY A 340 -16.29 -19.71 -20.01
CA GLY A 340 -15.37 -19.41 -21.11
C GLY A 340 -13.94 -19.83 -20.83
N SER A 341 -13.66 -20.25 -19.60
CA SER A 341 -12.34 -20.78 -19.28
C SER A 341 -12.00 -21.81 -20.36
N LYS A 342 -10.83 -21.63 -20.97
CA LYS A 342 -10.46 -22.45 -22.10
C LYS A 342 -9.91 -23.81 -21.69
N HIS A 343 -9.41 -23.91 -20.47
CA HIS A 343 -8.94 -25.19 -19.95
C HIS A 343 -9.38 -25.49 -18.51
N PRO A 344 -10.68 -25.74 -18.32
CA PRO A 344 -11.19 -25.96 -16.97
C PRO A 344 -10.52 -27.14 -16.26
N GLN A 345 -10.09 -28.14 -17.04
CA GLN A 345 -9.60 -29.40 -16.48
C GLN A 345 -8.25 -29.16 -15.85
N GLU A 346 -7.36 -28.49 -16.58
CA GLU A 346 -6.08 -28.08 -16.05
C GLU A 346 -6.21 -27.11 -14.85
N ALA A 347 -7.22 -26.23 -14.89
CA ALA A 347 -7.43 -25.30 -13.80
C ALA A 347 -7.72 -26.06 -12.49
N MET A 348 -8.60 -27.05 -12.58
CA MET A 348 -8.96 -27.91 -11.46
C MET A 348 -7.80 -28.75 -10.94
N ASP A 349 -6.89 -29.10 -11.84
CA ASP A 349 -5.76 -29.93 -11.44
C ASP A 349 -4.71 -29.10 -10.70
N PHE A 350 -4.52 -27.84 -11.08
CA PHE A 350 -3.72 -26.91 -10.26
C PHE A 350 -4.35 -26.69 -8.88
N ILE A 351 -5.66 -26.57 -8.85
CA ILE A 351 -6.38 -26.30 -7.60
C ILE A 351 -6.22 -27.50 -6.70
N LYS A 352 -6.38 -28.69 -7.27
CA LYS A 352 -6.21 -29.95 -6.58
C LYS A 352 -4.80 -30.05 -5.99
N TRP A 353 -3.80 -29.72 -6.80
CA TRP A 353 -2.40 -29.74 -6.40
C TRP A 353 -2.18 -28.83 -5.21
N THR A 354 -2.88 -27.70 -5.27
CA THR A 354 -2.85 -26.64 -4.31
C THR A 354 -3.33 -27.08 -2.92
N MET A 355 -4.34 -27.96 -2.88
CA MET A 355 -5.02 -28.42 -1.66
C MET A 355 -4.26 -29.47 -0.86
N ASP A 356 -3.23 -30.07 -1.46
CA ASP A 356 -2.41 -31.09 -0.77
C ASP A 356 -2.12 -30.69 0.69
N PRO A 357 -2.40 -31.61 1.64
CA PRO A 357 -2.40 -31.23 3.06
C PRO A 357 -1.15 -30.49 3.51
N GLN A 358 0.03 -30.99 3.14
CA GLN A 358 1.27 -30.34 3.57
C GLN A 358 1.53 -29.02 2.85
N ARG A 359 1.29 -29.02 1.54
CA ARG A 359 1.51 -27.82 0.74
C ARG A 359 0.65 -26.65 1.26
N ILE A 360 -0.64 -26.90 1.45
CA ILE A 360 -1.60 -25.86 1.80
C ILE A 360 -1.42 -25.47 3.27
N ALA A 361 -0.86 -26.37 4.07
CA ALA A 361 -0.47 -25.99 5.41
C ALA A 361 0.70 -25.03 5.34
N ASP A 362 1.62 -25.25 4.39
CA ASP A 362 2.78 -24.35 4.25
C ASP A 362 2.31 -22.98 3.75
N THR A 363 1.41 -22.99 2.76
CA THR A 363 0.78 -21.77 2.27
C THR A 363 0.05 -20.99 3.41
N ALA A 364 -0.80 -21.66 4.19
CA ALA A 364 -1.57 -20.98 5.21
C ALA A 364 -0.65 -20.37 6.28
N ASP A 365 0.45 -21.08 6.59
CA ASP A 365 1.51 -20.57 7.47
C ASP A 365 2.21 -19.31 6.91
N LYS A 366 2.44 -19.27 5.60
CA LYS A 366 3.12 -18.12 5.00
C LYS A 366 2.27 -16.86 5.06
N VAL A 367 0.98 -16.99 4.73
CA VAL A 367 0.06 -15.83 4.63
C VAL A 367 -0.71 -15.58 5.93
N TYR A 368 -0.50 -16.44 6.93
CA TYR A 368 -1.29 -16.47 8.20
C TYR A 368 -2.79 -16.54 7.95
N ASN A 369 -3.20 -17.56 7.21
CA ASN A 369 -4.59 -17.84 7.10
C ASN A 369 -4.88 -19.18 7.78
N ILE A 370 -6.17 -19.57 7.87
CA ILE A 370 -6.47 -20.92 8.32
C ILE A 370 -6.62 -21.84 7.10
N ALA A 371 -5.95 -22.99 7.10
CA ALA A 371 -6.09 -23.93 5.98
C ALA A 371 -7.52 -24.46 5.94
N PRO A 372 -8.14 -24.49 4.73
CA PRO A 372 -9.53 -24.93 4.61
C PRO A 372 -9.68 -26.45 4.72
N ILE A 373 -8.56 -27.16 4.78
CA ILE A 373 -8.49 -28.62 4.83
C ILE A 373 -8.19 -29.06 6.26
N VAL A 374 -9.09 -29.84 6.83
CA VAL A 374 -9.11 -30.13 8.25
C VAL A 374 -7.74 -30.59 8.75
N GLU A 375 -7.27 -31.66 8.14
CA GLU A 375 -5.97 -32.25 8.39
C GLU A 375 -4.79 -31.25 8.21
N ALA A 376 -4.88 -30.31 7.28
CA ALA A 376 -3.80 -29.34 7.11
C ALA A 376 -3.83 -28.26 8.18
N ALA A 377 -5.02 -27.87 8.65
CA ALA A 377 -5.10 -26.88 9.76
C ALA A 377 -4.41 -27.45 11.01
N LYS A 378 -4.54 -28.74 11.20
CA LYS A 378 -3.87 -29.41 12.30
C LYS A 378 -2.34 -29.44 12.15
N ILE A 379 -1.81 -29.55 10.94
CA ILE A 379 -0.33 -29.56 10.80
C ILE A 379 0.36 -28.18 10.68
N GLN A 380 -0.42 -27.12 10.44
CA GLN A 380 0.09 -25.76 10.41
C GLN A 380 1.07 -25.50 11.56
N LYS A 381 2.25 -25.00 11.23
CA LYS A 381 3.21 -24.54 12.24
C LYS A 381 2.70 -23.38 13.10
N LEU A 382 1.70 -22.64 12.59
CA LEU A 382 1.22 -21.48 13.32
C LEU A 382 0.48 -21.85 14.59
N ASN A 383 0.09 -23.13 14.68
CA ASN A 383 -0.50 -23.69 15.88
C ASN A 383 0.29 -23.50 17.18
N ASN A 384 1.59 -23.22 17.07
CA ASN A 384 2.45 -22.93 18.23
C ASN A 384 2.60 -21.45 18.51
N ASP A 385 2.25 -20.64 17.52
CA ASP A 385 2.34 -19.18 17.59
C ASP A 385 1.35 -18.62 18.60
N PRO A 386 1.84 -17.81 19.57
CA PRO A 386 0.93 -17.26 20.60
C PRO A 386 -0.23 -16.45 19.99
N TYR A 387 0.06 -15.62 18.98
CA TYR A 387 -0.96 -14.79 18.33
C TYR A 387 -1.98 -15.63 17.59
N PHE A 388 -1.51 -16.62 16.85
CA PHE A 388 -2.38 -17.45 16.06
C PHE A 388 -3.17 -18.39 16.96
N LYS A 389 -2.63 -18.73 18.14
CA LYS A 389 -3.40 -19.48 19.14
C LYS A 389 -4.63 -18.71 19.64
N GLU A 390 -4.52 -17.39 19.75
CA GLU A 390 -5.65 -16.55 20.12
C GLU A 390 -6.68 -16.50 18.99
N VAL A 391 -6.21 -16.45 17.75
CA VAL A 391 -7.08 -16.49 16.58
C VAL A 391 -7.89 -17.79 16.56
N LEU A 392 -7.22 -18.91 16.85
CA LEU A 392 -7.84 -20.25 16.86
C LEU A 392 -8.85 -20.40 17.98
N ASN A 393 -8.54 -19.79 19.10
CA ASN A 393 -9.47 -19.74 20.20
C ASN A 393 -10.74 -18.98 19.82
N VAL A 394 -10.60 -17.98 18.97
CA VAL A 394 -11.79 -17.24 18.51
C VAL A 394 -12.65 -18.11 17.60
N ALA A 395 -12.04 -18.83 16.66
CA ALA A 395 -12.82 -19.69 15.77
C ALA A 395 -13.51 -20.82 16.55
N GLN A 396 -12.98 -21.11 17.75
CA GLN A 396 -13.46 -22.17 18.63
C GLN A 396 -14.49 -21.73 19.64
N LYS A 397 -14.27 -20.56 20.24
CA LYS A 397 -15.15 -20.06 21.29
C LYS A 397 -16.15 -18.99 20.83
N GLY A 398 -15.81 -18.21 19.81
CA GLY A 398 -16.64 -17.04 19.46
C GLY A 398 -17.97 -17.44 18.84
N SER A 399 -18.88 -16.49 18.73
CA SER A 399 -20.16 -16.78 18.09
C SER A 399 -19.96 -16.52 16.64
N ILE A 400 -19.81 -17.61 15.90
CA ILE A 400 -19.48 -17.53 14.49
C ILE A 400 -20.74 -17.32 13.66
N TYR A 401 -20.63 -16.45 12.67
CA TYR A 401 -21.67 -16.31 11.67
C TYR A 401 -21.00 -16.28 10.27
N TYR A 402 -21.81 -16.47 9.24
CA TYR A 402 -21.30 -16.69 7.90
C TYR A 402 -21.84 -15.70 6.92
N THR A 403 -21.12 -15.56 5.82
CA THR A 403 -21.55 -14.72 4.72
C THR A 403 -22.91 -15.25 4.29
N PRO A 404 -23.92 -14.37 4.23
CA PRO A 404 -25.27 -14.69 3.74
C PRO A 404 -25.23 -14.93 2.23
N ALA A 405 -26.18 -15.70 1.72
CA ALA A 405 -26.21 -16.03 0.29
C ALA A 405 -27.39 -15.34 -0.44
N ALA A 406 -27.09 -14.25 -1.15
CA ALA A 406 -28.09 -13.50 -1.90
C ALA A 406 -27.56 -13.14 -3.30
N LYS A 407 -28.38 -13.31 -4.32
CA LYS A 407 -27.87 -13.03 -5.65
C LYS A 407 -27.48 -11.55 -5.81
N GLY A 408 -28.23 -10.64 -5.16
CA GLY A 408 -27.93 -9.21 -5.18
C GLY A 408 -27.01 -8.64 -4.09
N MET A 409 -26.24 -9.51 -3.41
CA MET A 409 -25.36 -9.12 -2.27
C MET A 409 -24.44 -7.91 -2.53
N LEU A 410 -23.77 -7.90 -3.67
CA LEU A 410 -22.80 -6.84 -3.98
C LEU A 410 -23.39 -5.44 -4.17
N SER A 411 -24.50 -5.34 -4.90
CA SER A 411 -25.16 -4.05 -5.06
C SER A 411 -25.75 -3.51 -3.76
N THR A 412 -26.26 -4.42 -2.92
CA THR A 412 -26.80 -4.03 -1.61
C THR A 412 -25.67 -3.52 -0.76
N GLU A 413 -24.54 -4.23 -0.77
CA GLU A 413 -23.36 -3.76 -0.06
C GLU A 413 -22.93 -2.38 -0.50
N THR A 414 -22.91 -2.14 -1.82
CA THR A 414 -22.55 -0.82 -2.37
C THR A 414 -23.47 0.27 -1.81
N ALA A 415 -24.78 0.05 -1.86
CA ALA A 415 -25.74 1.00 -1.29
C ALA A 415 -25.45 1.21 0.22
N ALA A 416 -25.14 0.11 0.92
CA ALA A 416 -24.84 0.14 2.33
C ALA A 416 -23.55 0.91 2.63
N ASN A 417 -22.48 0.63 1.88
CA ASN A 417 -21.22 1.34 2.04
C ASN A 417 -21.39 2.84 1.83
N ASN A 418 -22.16 3.21 0.80
CA ASN A 418 -22.40 4.62 0.52
C ASN A 418 -23.16 5.33 1.62
N ALA A 419 -24.15 4.65 2.18
CA ALA A 419 -24.93 5.24 3.26
C ALA A 419 -24.11 5.43 4.52
N PHE A 420 -23.20 4.50 4.82
CA PHE A 420 -22.34 4.64 5.99
C PHE A 420 -21.44 5.84 5.86
N GLN A 421 -20.72 5.93 4.75
CA GLN A 421 -19.84 7.06 4.47
C GLN A 421 -20.58 8.43 4.50
N ALA A 422 -21.78 8.49 3.92
CA ALA A 422 -22.58 9.72 3.98
C ALA A 422 -22.87 10.16 5.42
N ALA A 423 -23.31 9.22 6.26
CA ALA A 423 -23.61 9.57 7.64
C ALA A 423 -22.35 9.80 8.48
N GLN A 424 -21.24 9.12 8.14
CA GLN A 424 -19.94 9.42 8.74
C GLN A 424 -19.52 10.87 8.44
N TYR A 425 -19.87 11.36 7.25
CA TYR A 425 -19.54 12.73 6.84
C TYR A 425 -20.64 13.77 7.12
N LYS A 426 -21.61 13.44 7.96
CA LYS A 426 -22.67 14.38 8.37
C LYS A 426 -23.45 14.96 7.18
N LYS A 427 -23.38 14.31 6.02
CA LYS A 427 -24.16 14.69 4.84
C LYS A 427 -25.65 14.39 5.00
N SER A 428 -25.95 13.40 5.83
CA SER A 428 -27.32 13.05 6.18
C SER A 428 -27.22 12.45 7.57
N THR A 429 -28.36 12.37 8.25
CA THR A 429 -28.46 11.68 9.52
C THR A 429 -28.46 10.17 9.22
N PRO A 430 -28.19 9.33 10.24
CA PRO A 430 -28.20 7.88 10.03
C PRO A 430 -29.54 7.31 9.52
N GLU A 431 -30.64 7.89 9.99
CA GLU A 431 -31.98 7.44 9.60
C GLU A 431 -32.23 7.71 8.12
N GLN A 432 -31.85 8.91 7.69
CA GLN A 432 -32.10 9.33 6.32
C GLN A 432 -31.17 8.60 5.38
N ALA A 433 -29.90 8.48 5.76
CA ALA A 433 -28.93 7.80 4.90
C ALA A 433 -29.40 6.36 4.64
N LEU A 434 -29.80 5.65 5.69
CA LEU A 434 -30.31 4.28 5.55
C LEU A 434 -31.63 4.16 4.76
N LYS A 435 -32.49 5.16 4.86
CA LYS A 435 -33.70 5.22 4.02
C LYS A 435 -33.30 5.34 2.55
N ASN A 436 -32.38 6.25 2.26
CA ASN A 436 -31.93 6.45 0.89
C ASN A 436 -31.23 5.19 0.32
N ALA A 437 -30.42 4.53 1.14
CA ALA A 437 -29.78 3.28 0.74
C ALA A 437 -30.81 2.20 0.32
N GLN A 438 -31.91 2.10 1.07
CA GLN A 438 -32.96 1.13 0.76
C GLN A 438 -33.50 1.37 -0.65
N ALA A 439 -33.77 2.63 -0.97
CA ALA A 439 -34.14 3.04 -2.34
C ALA A 439 -33.06 2.66 -3.37
N GLU A 440 -31.80 3.00 -3.07
CA GLU A 440 -30.67 2.62 -3.93
C GLU A 440 -30.58 1.12 -4.19
N ALA A 441 -30.82 0.32 -3.15
CA ALA A 441 -30.65 -1.12 -3.20
C ALA A 441 -31.73 -1.82 -4.02
N GLU A 442 -32.97 -1.32 -3.94
CA GLU A 442 -34.11 -1.95 -4.63
C GLU A 442 -34.14 -1.60 -6.13
N GLN B 42 28.72 -19.01 9.21
CA GLN B 42 29.49 -18.44 10.35
C GLN B 42 29.10 -16.98 10.63
N VAL B 43 29.28 -16.10 9.64
CA VAL B 43 28.97 -14.67 9.78
C VAL B 43 27.55 -14.34 9.31
N VAL B 44 26.82 -13.57 10.11
CA VAL B 44 25.47 -13.19 9.77
C VAL B 44 25.32 -11.67 9.59
N LEU B 45 24.90 -11.28 8.40
CA LEU B 45 24.81 -9.88 8.02
C LEU B 45 23.37 -9.39 8.12
N THR B 46 23.15 -8.31 8.88
CA THR B 46 21.86 -7.61 8.92
C THR B 46 21.90 -6.49 7.89
N LEU B 47 20.85 -6.41 7.08
CA LEU B 47 20.68 -5.40 6.07
C LEU B 47 19.28 -4.81 6.20
N TRP B 48 19.20 -3.48 6.17
CA TRP B 48 17.93 -2.79 6.08
C TRP B 48 17.71 -2.26 4.67
N TYR B 49 16.50 -2.46 4.16
CA TYR B 49 16.10 -1.84 2.90
C TYR B 49 14.78 -1.13 3.15
N PRO B 50 14.48 -0.08 2.37
CA PRO B 50 13.48 0.86 2.88
C PRO B 50 12.05 0.73 2.33
N TRP B 51 11.76 -0.23 1.47
CA TRP B 51 10.36 -0.39 0.97
C TRP B 51 10.03 -1.86 0.69
N ALA B 52 8.76 -2.21 0.87
CA ALA B 52 8.23 -3.51 0.49
C ALA B 52 8.05 -3.56 -1.03
N GLY B 53 7.01 -4.20 -1.54
CA GLY B 53 6.79 -4.27 -2.99
C GLY B 53 7.88 -5.00 -3.76
N PRO B 54 7.94 -4.78 -5.09
CA PRO B 54 8.89 -5.44 -5.99
C PRO B 54 10.34 -4.97 -5.81
N ASP B 55 10.55 -3.73 -5.38
CA ASP B 55 11.88 -3.28 -4.96
C ASP B 55 12.37 -4.10 -3.76
N GLY B 56 11.51 -4.24 -2.75
CA GLY B 56 11.81 -5.07 -1.58
C GLY B 56 12.17 -6.49 -1.97
N ASP B 57 11.29 -7.11 -2.75
CA ASP B 57 11.50 -8.47 -3.28
C ASP B 57 12.84 -8.68 -3.98
N ALA B 58 13.24 -7.75 -4.85
CA ALA B 58 14.54 -7.84 -5.56
C ALA B 58 15.76 -7.75 -4.62
N VAL B 59 15.63 -6.95 -3.56
CA VAL B 59 16.70 -6.81 -2.56
C VAL B 59 16.83 -8.06 -1.69
N VAL B 60 15.70 -8.59 -1.22
CA VAL B 60 15.65 -9.87 -0.51
C VAL B 60 16.24 -10.97 -1.41
N SER B 61 15.85 -10.95 -2.68
CA SER B 61 16.35 -11.93 -3.65
C SER B 61 17.90 -11.85 -3.94
N LEU B 62 18.47 -10.64 -3.93
CA LEU B 62 19.95 -10.53 -4.04
C LEU B 62 20.68 -11.09 -2.80
N ALA B 63 20.21 -10.71 -1.61
CA ALA B 63 20.77 -11.23 -0.36
C ALA B 63 20.78 -12.77 -0.33
N LYS B 64 19.61 -13.36 -0.62
CA LYS B 64 19.43 -14.81 -0.75
C LYS B 64 20.44 -15.50 -1.69
N GLU B 65 20.54 -14.98 -2.91
CA GLU B 65 21.46 -15.48 -3.94
C GLU B 65 22.94 -15.37 -3.52
N TYR B 66 23.33 -14.21 -2.99
CA TYR B 66 24.67 -14.05 -2.44
C TYR B 66 24.93 -15.09 -1.32
N SER B 67 24.01 -15.19 -0.35
CA SER B 67 24.14 -16.13 0.76
C SER B 67 24.30 -17.57 0.27
N LYS B 68 23.63 -17.91 -0.84
CA LYS B 68 23.68 -19.26 -1.41
C LYS B 68 25.10 -19.60 -1.84
N THR B 69 25.72 -18.67 -2.56
CA THR B 69 27.04 -18.88 -3.15
C THR B 69 28.20 -18.51 -2.22
N HIS B 70 27.88 -18.09 -0.98
CA HIS B 70 28.89 -17.72 0.02
C HIS B 70 28.62 -18.41 1.36
N PRO B 71 29.19 -19.62 1.55
CA PRO B 71 28.94 -20.52 2.68
C PRO B 71 29.14 -19.91 4.07
N ASN B 72 30.00 -18.90 4.19
CA ASN B 72 30.31 -18.34 5.49
C ASN B 72 29.61 -17.01 5.79
N VAL B 73 28.81 -16.53 4.83
CA VAL B 73 28.06 -15.29 4.99
C VAL B 73 26.59 -15.49 4.68
N GLN B 74 25.76 -15.27 5.69
CA GLN B 74 24.34 -15.33 5.52
C GLN B 74 23.83 -13.91 5.72
N ILE B 75 22.96 -13.45 4.82
CA ILE B 75 22.36 -12.11 4.96
C ILE B 75 20.94 -12.19 5.45
N LYS B 76 20.63 -11.47 6.51
CA LYS B 76 19.27 -11.35 7.00
C LYS B 76 18.69 -9.98 6.62
N ALA B 77 17.95 -9.94 5.50
CA ALA B 77 17.35 -8.68 5.02
C ALA B 77 16.06 -8.35 5.74
N GLN B 78 16.00 -7.14 6.31
CA GLN B 78 14.81 -6.64 6.98
C GLN B 78 14.28 -5.36 6.29
N MET B 79 12.97 -5.31 6.11
CA MET B 79 12.33 -4.09 5.61
C MET B 79 12.19 -3.14 6.76
N VAL B 80 12.82 -1.97 6.65
CA VAL B 80 12.62 -0.91 7.63
C VAL B 80 12.33 0.37 6.86
N SER B 81 11.10 0.86 7.00
CA SER B 81 10.58 1.93 6.15
C SER B 81 11.47 3.19 6.09
N GLY B 82 11.90 3.58 4.89
CA GLY B 82 12.82 4.72 4.72
C GLY B 82 14.19 4.50 5.39
N ALA B 83 14.51 3.24 5.64
CA ALA B 83 15.74 2.81 6.30
C ALA B 83 15.81 3.31 7.73
N GLY B 84 14.67 3.78 8.27
CA GLY B 84 14.63 4.35 9.61
C GLY B 84 15.24 5.73 9.62
N ILE B 85 15.48 6.28 8.43
CA ILE B 85 16.20 7.55 8.28
C ILE B 85 15.29 8.73 7.87
N ALA B 86 14.45 8.51 6.85
CA ALA B 86 13.71 9.61 6.21
C ALA B 86 12.87 10.40 7.19
N ALA B 87 12.89 11.72 6.98
CA ALA B 87 12.22 12.70 7.85
C ALA B 87 10.71 12.48 7.96
N LYS B 95 15.26 6.33 14.17
CA LYS B 95 15.24 4.86 14.15
C LYS B 95 16.60 4.25 13.73
N PHE B 96 17.14 4.68 12.59
CA PHE B 96 18.52 4.35 12.29
C PHE B 96 19.42 4.91 13.39
N LEU B 97 19.34 6.21 13.64
CA LEU B 97 20.09 6.85 14.71
C LEU B 97 19.85 6.24 16.09
N SER B 98 18.66 5.69 16.28
CA SER B 98 18.34 4.99 17.53
C SER B 98 19.19 3.74 17.71
N ALA B 99 19.23 2.87 16.70
CA ALA B 99 20.03 1.64 16.77
C ALA B 99 21.55 1.90 16.84
N VAL B 100 22.04 2.91 16.11
CA VAL B 100 23.46 3.31 16.16
C VAL B 100 23.85 3.81 17.56
N ALA B 101 23.00 4.64 18.15
CA ALA B 101 23.18 5.11 19.54
C ALA B 101 23.16 3.99 20.61
N ALA B 102 22.31 2.98 20.41
CA ALA B 102 22.16 1.86 21.35
C ALA B 102 23.18 0.73 21.14
N GLY B 103 23.83 0.72 19.98
CA GLY B 103 24.93 -0.20 19.73
C GLY B 103 24.64 -1.41 18.87
N ASN B 104 23.40 -1.57 18.47
CA ASN B 104 23.04 -2.72 17.65
C ASN B 104 22.53 -2.32 16.25
N PRO B 105 23.34 -1.55 15.48
CA PRO B 105 22.89 -1.13 14.16
C PRO B 105 23.05 -2.28 13.16
N PRO B 106 22.29 -2.25 12.04
CA PRO B 106 22.51 -3.27 11.02
C PRO B 106 23.90 -3.11 10.42
N ASP B 107 24.33 -4.11 9.65
CA ASP B 107 25.67 -4.08 9.05
C ASP B 107 25.74 -3.13 7.87
N LEU B 108 24.59 -2.93 7.23
CA LEU B 108 24.50 -2.27 5.95
C LEU B 108 23.07 -1.77 5.82
N VAL B 109 22.89 -0.58 5.24
CA VAL B 109 21.56 -0.04 4.96
C VAL B 109 21.47 0.45 3.54
N LEU B 110 20.27 0.38 2.96
CA LEU B 110 20.00 0.93 1.64
C LEU B 110 19.03 2.07 1.91
N TYR B 111 19.44 3.31 1.68
CA TYR B 111 18.53 4.44 1.83
C TYR B 111 17.95 4.85 0.48
N TRP B 112 16.75 5.40 0.45
CA TRP B 112 16.06 5.63 -0.83
C TRP B 112 16.36 7.00 -1.47
N GLY B 113 17.41 7.66 -1.01
CA GLY B 113 17.79 8.95 -1.55
C GLY B 113 19.24 9.25 -1.28
N GLN B 114 19.59 10.54 -1.36
CA GLN B 114 20.95 11.00 -1.09
C GLN B 114 20.94 12.15 -0.10
N ASP B 115 19.78 12.73 0.16
CA ASP B 115 19.68 13.92 1.01
C ASP B 115 20.23 13.73 2.43
N ALA B 116 20.25 12.51 2.93
CA ALA B 116 20.58 12.24 4.34
C ALA B 116 22.07 12.10 4.60
N LEU B 117 22.80 11.69 3.58
CA LEU B 117 24.21 11.33 3.70
C LEU B 117 25.06 12.41 4.46
N PRO B 118 24.94 13.72 4.09
CA PRO B 118 25.73 14.74 4.82
C PRO B 118 25.45 14.84 6.32
N GLY B 119 24.18 14.78 6.72
CA GLY B 119 23.82 14.84 8.12
C GLY B 119 24.27 13.60 8.88
N LEU B 120 24.16 12.45 8.25
CA LEU B 120 24.56 11.20 8.90
C LEU B 120 26.09 11.14 9.04
N ALA B 121 26.78 11.68 8.03
CA ALA B 121 28.24 11.69 8.04
C ALA B 121 28.81 12.58 9.13
N ASP B 122 28.24 13.78 9.27
CA ASP B 122 28.75 14.79 10.16
C ASP B 122 28.70 14.35 11.63
N GLN B 123 27.67 13.60 11.99
CA GLN B 123 27.54 13.10 13.36
C GLN B 123 28.17 11.72 13.58
N GLY B 124 28.93 11.24 12.61
CA GLY B 124 29.61 9.95 12.66
C GLY B 124 28.72 8.71 12.72
N ALA B 125 27.48 8.77 12.21
CA ALA B 125 26.57 7.62 12.32
C ALA B 125 26.78 6.57 11.22
N ILE B 126 27.49 6.97 10.16
CA ILE B 126 27.91 6.07 9.09
C ILE B 126 29.41 6.21 8.92
N ILE B 127 30.10 5.17 8.44
CA ILE B 127 31.56 5.21 8.37
C ILE B 127 32.07 5.63 6.99
N PRO B 128 33.25 6.29 6.94
CA PRO B 128 33.87 6.55 5.63
C PRO B 128 34.33 5.25 5.00
N LEU B 129 34.20 5.14 3.68
CA LEU B 129 34.44 3.92 2.93
C LEU B 129 35.74 3.91 2.14
N ASP B 130 36.45 5.04 2.15
CA ASP B 130 37.65 5.21 1.31
C ASP B 130 38.63 4.01 1.38
N ASP B 131 38.87 3.49 2.59
CA ASP B 131 39.70 2.27 2.80
C ASP B 131 39.24 1.01 2.06
N TYR B 132 37.93 0.81 1.98
CA TYR B 132 37.35 -0.33 1.27
C TYR B 132 37.29 -0.11 -0.25
N LEU B 133 37.74 1.05 -0.72
CA LEU B 133 37.48 1.48 -2.10
C LEU B 133 38.71 1.66 -2.99
N LYS B 134 39.87 1.19 -2.54
CA LYS B 134 41.07 1.25 -3.38
C LYS B 134 41.18 0.10 -4.40
N ASP B 135 40.28 -0.89 -4.31
CA ASP B 135 40.15 -1.95 -5.32
C ASP B 135 38.87 -1.81 -6.17
N VAL B 136 38.11 -0.74 -5.91
CA VAL B 136 36.93 -0.44 -6.73
C VAL B 136 37.26 0.72 -7.68
N ASP B 137 37.15 0.46 -8.98
CA ASP B 137 37.26 1.50 -10.00
C ASP B 137 35.98 2.33 -9.90
N THR B 138 36.03 3.41 -9.14
CA THR B 138 34.86 4.27 -8.92
C THR B 138 34.54 5.19 -10.11
N SER B 139 35.40 5.17 -11.12
CA SER B 139 35.13 5.88 -12.36
C SER B 139 34.12 5.13 -13.25
N LYS B 140 33.81 3.88 -12.90
CA LYS B 140 32.77 3.08 -13.57
C LYS B 140 31.35 3.63 -13.36
N PHE B 141 31.19 4.42 -12.29
CA PHE B 141 29.92 5.01 -11.92
C PHE B 141 29.61 6.25 -12.74
N PHE B 142 28.33 6.49 -12.98
CA PHE B 142 27.86 7.81 -13.41
C PHE B 142 28.44 8.85 -12.46
N GLU B 143 29.06 9.88 -13.03
CA GLU B 143 29.81 10.87 -12.24
C GLU B 143 28.95 11.57 -11.18
N ALA B 144 27.71 11.92 -11.55
CA ALA B 144 26.80 12.64 -10.66
C ALA B 144 26.47 11.79 -9.41
N ALA B 145 26.15 10.52 -9.63
CA ALA B 145 25.82 9.62 -8.55
C ALA B 145 27.02 9.44 -7.60
N TYR B 146 28.21 9.24 -8.14
CA TYR B 146 29.38 9.14 -7.27
C TYR B 146 29.74 10.43 -6.49
N ASN B 147 29.60 11.58 -7.15
CA ASN B 147 29.92 12.89 -6.52
C ASN B 147 29.07 13.12 -5.29
N ALA B 148 27.85 12.60 -5.31
CA ALA B 148 26.92 12.74 -4.19
C ALA B 148 27.34 11.91 -2.96
N MET B 149 28.25 10.95 -3.13
CA MET B 149 28.76 10.19 -1.97
C MET B 149 29.83 10.92 -1.14
N LYS B 150 30.37 12.01 -1.68
CA LYS B 150 31.52 12.70 -1.07
C LYS B 150 31.05 13.75 -0.09
N TYR B 151 31.59 13.73 1.12
CA TYR B 151 31.37 14.75 2.12
C TYR B 151 32.70 15.00 2.82
N LYS B 152 33.02 16.28 3.05
CA LYS B 152 34.32 16.75 3.61
C LYS B 152 35.51 15.81 3.39
N GLY B 153 35.87 15.63 2.12
CA GLY B 153 37.06 14.86 1.73
C GLY B 153 36.99 13.33 1.67
N LYS B 154 35.84 12.76 2.06
CA LYS B 154 35.70 11.30 2.22
C LYS B 154 34.40 10.74 1.61
N ILE B 155 34.42 9.45 1.27
CA ILE B 155 33.27 8.80 0.64
C ILE B 155 32.45 8.15 1.75
N TYR B 156 31.14 8.38 1.76
CA TYR B 156 30.28 7.88 2.86
C TYR B 156 29.16 6.99 2.40
N GLY B 157 29.13 6.69 1.11
CA GLY B 157 28.14 5.79 0.60
C GLY B 157 28.50 5.30 -0.78
N LEU B 158 27.68 4.38 -1.31
CA LEU B 158 27.78 3.94 -2.68
C LEU B 158 26.41 3.90 -3.36
N PRO B 159 26.33 4.37 -4.63
CA PRO B 159 25.04 4.45 -5.30
C PRO B 159 24.52 3.09 -5.75
N GLU B 160 23.22 2.90 -5.60
CA GLU B 160 22.62 1.60 -5.88
C GLU B 160 21.80 1.67 -7.17
N MET B 161 21.10 2.78 -7.37
CA MET B 161 20.28 3.02 -8.53
C MET B 161 20.26 4.53 -8.75
N VAL B 162 20.14 4.95 -10.01
CA VAL B 162 19.89 6.36 -10.30
C VAL B 162 18.40 6.52 -10.60
N ASN B 163 17.83 7.63 -10.10
CA ASN B 163 16.44 7.98 -10.37
C ASN B 163 16.22 9.41 -10.87
N VAL B 164 15.20 9.59 -11.71
CA VAL B 164 14.77 10.91 -12.17
C VAL B 164 13.26 11.16 -11.95
N ARG B 165 12.87 12.43 -11.99
CA ARG B 165 11.46 12.79 -11.78
C ARG B 165 10.83 13.17 -13.13
N VAL B 166 9.61 12.71 -13.35
CA VAL B 166 8.96 12.84 -14.64
C VAL B 166 7.48 13.08 -14.44
N LEU B 167 6.80 13.61 -15.47
CA LEU B 167 5.33 13.71 -15.45
C LEU B 167 4.66 12.52 -16.11
N PHE B 168 3.70 11.92 -15.41
CA PHE B 168 2.84 10.85 -15.98
C PHE B 168 1.47 11.43 -16.29
N TRP B 169 0.88 10.96 -17.38
CA TRP B 169 -0.47 11.36 -17.73
C TRP B 169 -1.26 10.19 -18.33
N ASN B 170 -2.55 10.19 -18.05
CA ASN B 170 -3.45 9.14 -18.46
C ASN B 170 -4.04 9.50 -19.82
N LYS B 171 -3.73 8.66 -20.80
CA LYS B 171 -4.14 8.92 -22.18
C LYS B 171 -5.64 8.66 -22.38
N ASP B 172 -6.21 7.72 -21.63
CA ASP B 172 -7.67 7.51 -21.66
C ASP B 172 -8.45 8.74 -21.18
N LEU B 173 -7.95 9.40 -20.13
CA LEU B 173 -8.66 10.56 -19.60
C LEU B 173 -8.46 11.79 -20.49
N PHE B 174 -7.25 11.95 -21.05
CA PHE B 174 -7.01 12.99 -22.05
C PHE B 174 -8.02 12.88 -23.19
N LYS B 175 -8.08 11.72 -23.83
CA LYS B 175 -9.01 11.46 -24.94
C LYS B 175 -10.44 11.83 -24.59
N GLN B 176 -10.93 11.35 -23.46
CA GLN B 176 -12.29 11.69 -23.02
C GLN B 176 -12.52 13.18 -22.83
N ALA B 177 -11.49 13.94 -22.45
CA ALA B 177 -11.63 15.40 -22.34
C ALA B 177 -11.33 16.09 -23.68
N GLY B 178 -11.09 15.32 -24.73
CA GLY B 178 -10.78 15.88 -26.04
C GLY B 178 -9.37 16.41 -26.18
N LEU B 179 -8.48 16.02 -25.28
CA LEU B 179 -7.10 16.49 -25.34
C LEU B 179 -6.29 15.51 -26.16
N ASP B 180 -5.39 16.02 -26.98
CA ASP B 180 -4.47 15.15 -27.70
C ASP B 180 -3.66 14.28 -26.71
N PRO B 181 -3.79 12.94 -26.81
CA PRO B 181 -3.16 12.00 -25.86
C PRO B 181 -1.62 12.00 -25.84
N ASN B 182 -1.01 12.64 -26.81
CA ASN B 182 0.44 12.70 -26.89
C ASN B 182 1.01 14.11 -26.72
N THR B 183 0.26 14.98 -26.06
CA THR B 183 0.71 16.35 -25.94
C THR B 183 0.61 16.77 -24.50
N PRO B 184 1.64 16.41 -23.70
CA PRO B 184 1.66 16.74 -22.28
C PRO B 184 1.80 18.25 -22.09
N PRO B 185 1.44 18.79 -20.92
CA PRO B 185 1.65 20.23 -20.72
C PRO B 185 3.13 20.57 -20.61
N LYS B 186 3.54 21.65 -21.27
CA LYS B 186 4.94 22.08 -21.25
C LYS B 186 5.22 23.20 -20.23
N THR B 187 4.19 23.89 -19.76
CA THR B 187 4.36 24.85 -18.65
C THR B 187 3.29 24.61 -17.55
N ILE B 188 3.52 25.20 -16.39
CA ILE B 188 2.60 25.10 -15.29
C ILE B 188 1.21 25.65 -15.66
N ALA B 189 1.14 26.81 -16.33
CA ALA B 189 -0.13 27.36 -16.77
C ALA B 189 -0.92 26.37 -17.66
N GLU B 190 -0.26 25.76 -18.64
CA GLU B 190 -0.87 24.70 -19.46
C GLU B 190 -1.33 23.48 -18.62
N LEU B 191 -0.50 23.08 -17.67
CA LEU B 191 -0.86 22.03 -16.73
C LEU B 191 -2.18 22.36 -16.02
N ASP B 192 -2.26 23.56 -15.48
CA ASP B 192 -3.44 24.05 -14.77
C ASP B 192 -4.69 24.11 -15.66
N GLN B 193 -4.52 24.62 -16.86
CA GLN B 193 -5.59 24.67 -17.86
C GLN B 193 -6.07 23.27 -18.21
N MET B 194 -5.12 22.34 -18.34
CA MET B 194 -5.44 20.96 -18.67
C MET B 194 -6.06 20.26 -17.49
N ALA B 195 -5.53 20.55 -16.30
CA ALA B 195 -6.04 19.96 -15.05
C ALA B 195 -7.53 20.23 -14.82
N ALA B 196 -7.99 21.44 -15.20
CA ALA B 196 -9.40 21.83 -15.02
C ALA B 196 -10.30 21.11 -16.03
N LYS B 197 -9.85 21.02 -17.28
CA LYS B 197 -10.58 20.26 -18.33
C LYS B 197 -10.77 18.77 -17.95
N LEU B 198 -9.87 18.27 -17.12
CA LEU B 198 -9.86 16.86 -16.71
C LEU B 198 -10.53 16.58 -15.36
N THR B 199 -10.97 17.63 -14.67
CA THR B 199 -11.57 17.51 -13.32
C THR B 199 -13.10 17.49 -13.38
N LYS B 200 -13.71 16.52 -12.68
CA LYS B 200 -15.15 16.37 -12.63
C LYS B 200 -15.73 16.37 -11.21
N THR B 201 -16.59 17.35 -10.93
CA THR B 201 -17.29 17.44 -9.65
C THR B 201 -18.81 17.41 -9.81
N LYS B 202 -19.49 17.11 -8.71
CA LYS B 202 -20.94 17.21 -8.57
C LYS B 202 -21.22 17.72 -7.15
N ASN B 203 -21.88 18.88 -7.06
CA ASN B 203 -22.19 19.54 -5.76
C ASN B 203 -20.95 20.08 -5.04
N GLY B 204 -19.95 19.21 -4.86
CA GLY B 204 -18.69 19.53 -4.20
C GLY B 204 -17.84 18.28 -4.20
N THR B 205 -18.52 17.14 -4.38
CA THR B 205 -17.93 15.79 -4.45
C THR B 205 -17.13 15.59 -5.73
N ILE B 206 -15.89 15.15 -5.59
CA ILE B 206 -15.03 14.99 -6.75
C ILE B 206 -15.11 13.56 -7.28
N GLU B 207 -15.33 13.45 -8.59
CA GLU B 207 -15.44 12.18 -9.28
C GLU B 207 -14.14 11.87 -10.04
N GLN B 208 -13.47 12.93 -10.50
CA GLN B 208 -12.20 12.81 -11.24
C GLN B 208 -11.36 14.07 -11.04
N MET B 209 -10.07 13.91 -10.74
CA MET B 209 -9.19 15.05 -10.60
C MET B 209 -8.19 15.13 -11.76
N GLY B 210 -7.94 16.35 -12.22
CA GLY B 210 -6.95 16.58 -13.25
C GLY B 210 -5.56 16.37 -12.69
N PHE B 211 -5.27 17.04 -11.58
CA PHE B 211 -3.94 17.03 -11.01
C PHE B 211 -4.06 17.31 -9.53
N ILE B 212 -3.24 16.62 -8.73
CA ILE B 212 -3.03 17.05 -7.36
C ILE B 212 -1.53 17.33 -7.16
N PRO B 213 -1.19 18.55 -6.71
CA PRO B 213 0.24 18.91 -6.67
C PRO B 213 1.10 18.21 -5.63
N TRP B 214 0.53 17.86 -4.47
CA TRP B 214 1.30 17.32 -3.33
C TRP B 214 1.36 15.78 -3.21
N ILE B 215 0.78 15.08 -4.18
CA ILE B 215 0.92 13.61 -4.23
C ILE B 215 2.07 13.19 -5.17
N GLY B 216 2.39 11.91 -5.15
CA GLY B 216 3.48 11.40 -5.95
C GLY B 216 4.78 11.96 -5.42
N GLN B 217 5.61 12.46 -6.33
CA GLN B 217 6.84 13.11 -5.93
C GLN B 217 6.65 14.61 -5.90
N GLY B 218 5.39 15.03 -5.91
CA GLY B 218 5.04 16.45 -5.74
C GLY B 218 5.31 16.98 -4.34
N VAL B 219 6.42 16.56 -3.76
CA VAL B 219 6.84 16.94 -2.40
C VAL B 219 7.84 18.12 -2.43
N PRO B 220 7.94 18.92 -1.34
CA PRO B 220 8.77 20.12 -1.40
C PRO B 220 10.26 19.96 -1.79
N HIS B 221 10.97 19.03 -1.16
CA HIS B 221 12.39 18.80 -1.48
C HIS B 221 12.65 18.35 -2.94
N VAL B 222 11.57 18.07 -3.67
CA VAL B 222 11.60 17.86 -5.11
C VAL B 222 11.10 19.11 -5.83
N MET B 223 10.00 19.67 -5.36
CA MET B 223 9.33 20.74 -6.13
C MET B 223 10.03 22.08 -6.10
N ALA B 224 10.83 22.33 -5.04
CA ALA B 224 11.68 23.54 -4.95
C ALA B 224 12.52 23.78 -6.19
N GLY B 225 13.09 22.73 -6.75
CA GLY B 225 13.97 22.88 -7.89
C GLY B 225 13.17 23.16 -9.14
N VAL B 226 11.97 22.58 -9.24
CA VAL B 226 11.11 22.86 -10.36
C VAL B 226 10.80 24.38 -10.44
N PHE B 227 10.64 25.00 -9.28
CA PHE B 227 10.44 26.45 -9.19
C PHE B 227 11.73 27.26 -9.04
N GLY B 228 12.88 26.64 -9.33
CA GLY B 228 14.15 27.37 -9.51
C GLY B 228 14.92 27.65 -8.24
N THR B 229 14.51 27.03 -7.14
CA THR B 229 15.07 27.36 -5.86
C THR B 229 15.46 26.10 -5.15
N SER B 230 15.69 26.21 -3.85
CA SER B 230 16.10 25.08 -3.03
C SER B 230 15.67 25.36 -1.58
N LEU B 231 15.69 24.35 -0.70
CA LEU B 231 15.25 24.53 0.68
C LEU B 231 16.33 25.09 1.62
N VAL B 232 17.58 25.03 1.18
CA VAL B 232 18.72 25.52 1.95
C VAL B 232 19.65 26.33 1.02
N ASP B 233 20.43 27.26 1.58
CA ASP B 233 21.34 28.07 0.77
C ASP B 233 22.69 27.35 0.56
N SER B 234 23.62 28.07 -0.06
CA SER B 234 24.94 27.56 -0.41
C SER B 234 25.70 27.02 0.81
N ASN B 235 25.42 27.60 1.97
CA ASN B 235 26.04 27.22 3.23
C ASN B 235 25.22 26.25 4.05
N GLY B 236 24.10 25.81 3.50
CA GLY B 236 23.31 24.76 4.11
C GLY B 236 22.27 25.20 5.12
N ASN B 237 22.14 26.51 5.32
CA ASN B 237 21.14 27.04 6.24
C ASN B 237 19.74 27.08 5.60
N PRO B 238 18.68 26.80 6.37
CA PRO B 238 17.32 26.80 5.80
C PRO B 238 16.90 28.16 5.20
N ILE B 239 16.28 28.11 4.02
CA ILE B 239 15.74 29.34 3.39
C ILE B 239 14.28 29.10 3.03
N LEU B 240 13.42 29.16 4.04
CA LEU B 240 12.03 28.77 3.85
C LEU B 240 11.08 29.98 3.77
N SER B 241 11.47 31.09 4.40
CA SER B 241 10.58 32.24 4.58
C SER B 241 10.49 33.04 3.31
N PRO B 242 9.34 33.70 3.08
CA PRO B 242 9.06 34.44 1.84
C PRO B 242 10.17 35.40 1.45
N ASP B 243 10.71 36.13 2.41
CA ASP B 243 11.84 37.03 2.14
C ASP B 243 13.10 36.29 1.69
N LYS B 244 13.45 35.19 2.35
CA LYS B 244 14.70 34.48 2.01
C LYS B 244 14.59 33.59 0.75
N ASN B 245 13.36 33.30 0.35
CA ASN B 245 13.11 32.40 -0.79
C ASN B 245 11.78 32.69 -1.48
N PRO B 246 11.69 33.78 -2.26
CA PRO B 246 10.43 34.13 -2.92
C PRO B 246 9.96 33.07 -3.93
N GLN B 247 10.86 32.32 -4.54
CA GLN B 247 10.41 31.26 -5.45
C GLN B 247 9.70 30.13 -4.70
N LEU B 248 10.07 29.91 -3.44
CA LEU B 248 9.36 28.91 -2.62
C LEU B 248 7.94 29.35 -2.25
N LEU B 249 7.76 30.64 -1.99
CA LEU B 249 6.41 31.17 -1.76
C LEU B 249 5.54 31.02 -3.01
N ASN B 250 6.12 31.31 -4.18
CA ASN B 250 5.45 31.06 -5.47
C ASN B 250 4.98 29.61 -5.64
N LEU B 251 5.80 28.66 -5.19
CA LEU B 251 5.46 27.24 -5.27
C LEU B 251 4.25 26.90 -4.39
N LEU B 252 4.27 27.42 -3.16
CA LEU B 252 3.22 27.10 -2.20
C LEU B 252 1.93 27.79 -2.60
N LYS B 253 2.03 29.04 -3.02
CA LYS B 253 0.85 29.77 -3.49
C LYS B 253 0.21 29.03 -4.66
N TRP B 254 1.03 28.45 -5.53
CA TRP B 254 0.52 27.64 -6.63
C TRP B 254 -0.16 26.33 -6.17
N GLU B 255 0.51 25.52 -5.35
CA GLU B 255 -0.15 24.35 -4.73
C GLU B 255 -1.53 24.72 -4.15
N VAL B 256 -1.53 25.73 -3.28
CA VAL B 256 -2.72 26.18 -2.57
C VAL B 256 -3.89 26.65 -3.49
N SER B 257 -3.58 27.01 -4.74
CA SER B 257 -4.66 27.39 -5.64
C SER B 257 -5.48 26.15 -6.02
N TYR B 258 -4.85 24.97 -5.98
CA TYR B 258 -5.58 23.72 -6.17
C TYR B 258 -6.53 23.47 -5.01
N SER B 259 -6.01 23.52 -3.78
CA SER B 259 -6.88 23.34 -2.61
C SER B 259 -7.97 24.42 -2.51
N ASP B 260 -7.66 25.65 -2.92
CA ASP B 260 -8.63 26.74 -2.97
C ASP B 260 -9.74 26.53 -3.98
N LYS B 261 -9.39 25.98 -5.15
CA LYS B 261 -10.36 25.78 -6.21
C LYS B 261 -11.33 24.64 -5.86
N TYR B 262 -10.82 23.49 -5.45
CA TYR B 262 -11.65 22.29 -5.26
C TYR B 262 -12.09 21.99 -3.84
N GLY B 263 -11.50 22.68 -2.87
CA GLY B 263 -11.76 22.39 -1.47
C GLY B 263 -10.82 21.31 -0.97
N ALA B 264 -10.01 21.67 0.03
CA ALA B 264 -9.05 20.76 0.65
C ALA B 264 -9.69 19.48 1.17
N MET B 265 -10.86 19.60 1.79
CA MET B 265 -11.62 18.47 2.37
C MET B 265 -12.18 17.59 1.26
N ASN B 266 -12.56 18.22 0.16
CA ASN B 266 -13.05 17.51 -1.03
C ASN B 266 -11.98 16.64 -1.66
N ILE B 267 -10.76 17.16 -1.74
CA ILE B 267 -9.67 16.45 -2.35
C ILE B 267 -9.28 15.28 -1.46
N ASN B 268 -9.20 15.55 -0.17
CA ASN B 268 -8.80 14.51 0.77
C ASN B 268 -9.82 13.42 1.05
N LYS B 269 -11.10 13.71 0.85
CA LYS B 269 -12.17 12.70 0.79
C LYS B 269 -11.97 11.83 -0.45
N PHE B 270 -11.87 12.50 -1.60
CA PHE B 270 -11.61 11.87 -2.90
C PHE B 270 -10.44 10.85 -2.98
N ILE B 271 -9.34 11.15 -2.31
CA ILE B 271 -8.19 10.23 -2.26
C ILE B 271 -8.06 9.45 -0.93
N ALA B 272 -9.09 9.48 -0.09
CA ALA B 272 -9.05 8.67 1.14
C ALA B 272 -8.77 7.22 0.78
N GLY B 273 -7.86 6.61 1.51
CA GLY B 273 -7.56 5.20 1.31
C GLY B 273 -6.58 4.96 0.19
N MET B 274 -5.95 6.02 -0.29
CA MET B 274 -4.99 5.89 -1.37
C MET B 274 -3.66 6.41 -0.87
N SER B 275 -2.61 5.68 -1.20
CA SER B 275 -1.22 6.05 -0.93
C SER B 275 -0.88 7.38 -1.63
N GLN B 276 -0.26 8.32 -0.93
CA GLN B 276 0.03 9.64 -1.52
C GLN B 276 1.49 9.82 -1.99
N ASN B 277 2.44 9.65 -1.10
CA ASN B 277 3.80 9.97 -1.47
C ASN B 277 4.71 8.75 -1.60
N SER B 278 4.10 7.56 -1.58
CA SER B 278 4.80 6.32 -1.94
C SER B 278 4.03 5.63 -3.06
N SER B 279 4.78 5.08 -4.01
CA SER B 279 4.18 4.67 -5.28
C SER B 279 3.86 3.21 -5.23
N GLN B 280 2.64 2.92 -5.67
CA GLN B 280 1.88 1.85 -5.08
C GLN B 280 0.75 1.32 -6.00
N ALA B 281 0.38 0.06 -5.74
CA ALA B 281 -0.90 -0.52 -6.19
C ALA B 281 -2.01 -0.05 -5.24
N ASN B 282 -1.79 1.12 -4.62
CA ASN B 282 -2.86 1.96 -4.12
C ASN B 282 -2.71 3.49 -4.26
N ASP B 283 -1.80 3.98 -5.10
CA ASP B 283 -1.71 5.41 -5.40
C ASP B 283 -2.73 5.86 -6.46
N PRO B 284 -3.09 7.14 -6.47
CA PRO B 284 -4.28 7.53 -7.25
C PRO B 284 -4.13 7.55 -8.78
N PHE B 285 -2.90 7.66 -9.29
CA PHE B 285 -2.68 7.58 -10.74
C PHE B 285 -2.93 6.17 -11.25
N VAL B 286 -2.44 5.21 -10.50
CA VAL B 286 -2.51 3.80 -10.84
C VAL B 286 -3.98 3.37 -10.91
N LEU B 287 -4.83 3.99 -10.09
CA LEU B 287 -6.25 3.64 -9.98
C LEU B 287 -7.11 4.37 -11.01
N GLY B 288 -6.51 5.33 -11.71
CA GLY B 288 -7.22 6.09 -12.74
C GLY B 288 -8.10 7.19 -12.15
N LYS B 289 -7.85 7.57 -10.91
CA LYS B 289 -8.62 8.63 -10.28
C LYS B 289 -8.09 10.01 -10.69
N VAL B 290 -6.77 10.14 -10.84
CA VAL B 290 -6.15 11.40 -11.26
C VAL B 290 -5.45 11.25 -12.61
N ALA B 291 -5.65 12.25 -13.47
CA ALA B 291 -5.19 12.20 -14.84
C ALA B 291 -3.70 12.53 -15.02
N MET B 292 -3.12 13.27 -14.07
CA MET B 292 -1.68 13.60 -14.17
C MET B 292 -1.03 13.55 -12.80
N MET B 293 0.23 13.15 -12.79
CA MET B 293 0.98 13.05 -11.57
C MET B 293 2.49 13.12 -11.80
N ILE B 294 3.16 13.91 -10.97
CA ILE B 294 4.61 13.88 -10.91
C ILE B 294 5.08 12.69 -10.07
N SER B 295 5.99 11.90 -10.61
CA SER B 295 6.56 10.77 -9.88
C SER B 295 7.96 10.45 -10.39
N GLY B 296 8.55 9.33 -9.97
CA GLY B 296 9.87 8.93 -10.46
C GLY B 296 9.71 7.96 -11.62
N GLU B 297 10.81 7.64 -12.30
CA GLU B 297 10.74 6.74 -13.45
C GLU B 297 10.24 5.33 -13.10
N TRP B 298 10.37 4.93 -11.83
CA TRP B 298 10.00 3.59 -11.35
C TRP B 298 8.49 3.34 -11.40
N GLN B 299 7.73 4.42 -11.48
CA GLN B 299 6.28 4.40 -11.50
C GLN B 299 5.75 3.67 -12.74
N ILE B 300 6.57 3.63 -13.79
CA ILE B 300 6.29 2.76 -14.92
C ILE B 300 6.02 1.36 -14.41
N ASN B 301 6.80 0.88 -13.44
CA ASN B 301 6.61 -0.49 -12.93
C ASN B 301 5.30 -0.60 -12.15
N ALA B 302 5.15 0.28 -11.15
CA ALA B 302 3.96 0.33 -10.31
C ALA B 302 2.70 0.33 -11.19
N ASN B 303 2.73 1.08 -12.31
CA ASN B 303 1.60 1.18 -13.23
C ASN B 303 1.25 -0.15 -13.87
N LYS B 304 2.27 -0.84 -14.36
CA LYS B 304 2.07 -2.07 -15.14
C LYS B 304 1.71 -3.28 -14.27
N GLN B 305 2.21 -3.28 -13.05
CA GLN B 305 1.94 -4.36 -12.12
C GLN B 305 0.57 -4.23 -11.44
N TYR B 306 -0.07 -3.07 -11.55
CA TYR B 306 -1.42 -2.91 -11.03
C TYR B 306 -2.42 -3.08 -12.16
N ASN B 307 -2.12 -2.49 -13.30
CA ASN B 307 -3.04 -2.48 -14.45
C ASN B 307 -2.27 -2.36 -15.78
N PRO B 308 -2.07 -3.50 -16.47
CA PRO B 308 -1.54 -3.57 -17.83
C PRO B 308 -2.30 -2.71 -18.85
N LYS B 309 -3.63 -2.70 -18.81
CA LYS B 309 -4.43 -1.93 -19.78
C LYS B 309 -4.37 -0.39 -19.65
N LEU B 310 -3.66 0.13 -18.64
CA LEU B 310 -3.61 1.57 -18.37
C LEU B 310 -2.79 2.26 -19.43
N ASN B 311 -3.43 3.02 -20.31
CA ASN B 311 -2.66 3.71 -21.34
C ASN B 311 -2.18 5.03 -20.77
N PHE B 312 -0.86 5.16 -20.64
CA PHE B 312 -0.27 6.34 -20.04
C PHE B 312 0.90 6.84 -20.89
N GLY B 313 1.32 8.08 -20.60
CA GLY B 313 2.48 8.68 -21.24
C GLY B 313 3.44 9.13 -20.17
N VAL B 314 4.73 9.21 -20.52
CA VAL B 314 5.76 9.70 -19.61
C VAL B 314 6.51 10.84 -20.28
N GLY B 315 6.79 11.89 -19.52
CA GLY B 315 7.51 13.01 -20.09
C GLY B 315 8.12 13.92 -19.07
N PRO B 316 8.71 15.03 -19.55
CA PRO B 316 9.34 16.01 -18.68
C PRO B 316 8.27 16.69 -17.85
N ILE B 317 8.62 17.03 -16.62
CA ILE B 317 7.84 17.91 -15.77
C ILE B 317 7.69 19.28 -16.45
N PRO B 318 6.49 19.88 -16.42
CA PRO B 318 6.27 21.17 -17.05
C PRO B 318 7.09 22.29 -16.38
N GLN B 319 7.51 23.28 -17.17
CA GLN B 319 8.30 24.40 -16.65
C GLN B 319 7.50 25.36 -15.75
N ALA B 320 8.14 25.82 -14.68
CA ALA B 320 7.52 26.81 -13.78
C ALA B 320 8.10 28.19 -14.08
N PRO B 321 7.34 29.30 -13.82
CA PRO B 321 7.96 30.63 -13.91
C PRO B 321 9.10 30.76 -12.90
N GLY B 322 10.21 31.34 -13.30
CA GLY B 322 11.41 31.31 -12.47
C GLY B 322 12.20 29.99 -12.55
N GLY B 323 11.63 28.95 -13.15
CA GLY B 323 12.34 27.69 -13.33
C GLY B 323 12.86 27.45 -14.74
N LYS B 324 13.54 26.32 -14.91
CA LYS B 324 14.15 25.97 -16.18
C LYS B 324 13.24 25.01 -16.95
N PRO B 325 13.34 25.00 -18.30
CA PRO B 325 12.53 24.04 -19.09
C PRO B 325 12.84 22.59 -18.71
N MET B 326 11.83 21.73 -18.77
CA MET B 326 11.99 20.30 -18.49
C MET B 326 12.83 20.05 -17.23
N PRO B 327 12.46 20.66 -16.09
CA PRO B 327 13.26 20.43 -14.90
C PRO B 327 13.10 18.99 -14.40
N SER B 328 14.17 18.43 -13.85
CA SER B 328 14.10 17.09 -13.31
C SER B 328 15.15 16.92 -12.23
N LEU B 329 14.77 16.43 -11.06
CA LEU B 329 15.76 16.08 -10.06
C LEU B 329 16.39 14.73 -10.41
N MET B 330 17.73 14.65 -10.32
CA MET B 330 18.41 13.35 -10.42
C MET B 330 19.06 12.98 -9.07
N ASP B 331 18.67 11.85 -8.55
CA ASP B 331 19.18 11.39 -7.27
C ASP B 331 19.32 9.88 -7.42
N GLY B 332 19.27 9.17 -6.31
CA GLY B 332 19.31 7.73 -6.38
C GLY B 332 19.35 7.13 -5.01
N ASN B 333 19.39 5.80 -4.97
CA ASN B 333 19.46 5.06 -3.70
C ASN B 333 20.91 4.97 -3.28
N THR B 334 21.17 4.95 -1.97
CA THR B 334 22.55 4.84 -1.54
C THR B 334 22.78 3.83 -0.40
N TRP B 335 23.78 2.97 -0.60
CA TRP B 335 24.29 2.03 0.40
C TRP B 335 25.14 2.76 1.43
N MET B 336 24.81 2.61 2.69
CA MET B 336 25.69 3.15 3.74
C MET B 336 25.98 2.08 4.77
N ILE B 337 27.15 2.17 5.40
CA ILE B 337 27.56 1.24 6.45
C ILE B 337 27.61 2.03 7.74
N PRO B 338 26.78 1.64 8.72
CA PRO B 338 26.65 2.33 9.99
C PRO B 338 27.89 2.19 10.88
N LYS B 339 28.17 3.20 11.70
CA LYS B 339 29.15 3.07 12.77
C LYS B 339 28.68 1.91 13.67
N GLY B 340 29.60 1.00 13.97
CA GLY B 340 29.32 -0.16 14.82
C GLY B 340 28.80 -1.36 14.05
N SER B 341 28.85 -1.29 12.72
CA SER B 341 28.59 -2.46 11.90
C SER B 341 29.61 -3.54 12.33
N LYS B 342 29.12 -4.75 12.54
CA LYS B 342 29.98 -5.82 13.03
C LYS B 342 30.94 -6.31 11.96
N HIS B 343 30.48 -6.33 10.70
CA HIS B 343 31.29 -6.82 9.59
C HIS B 343 31.25 -5.96 8.32
N PRO B 344 31.90 -4.78 8.34
CA PRO B 344 31.91 -3.88 7.19
C PRO B 344 32.60 -4.49 5.99
N GLN B 345 33.52 -5.42 6.25
CA GLN B 345 34.24 -6.05 5.14
C GLN B 345 33.29 -6.91 4.33
N GLU B 346 32.48 -7.71 5.01
CA GLU B 346 31.51 -8.54 4.32
C GLU B 346 30.42 -7.70 3.67
N ALA B 347 29.98 -6.62 4.36
CA ALA B 347 28.98 -5.70 3.79
C ALA B 347 29.44 -5.12 2.43
N MET B 348 30.64 -4.55 2.42
CA MET B 348 31.28 -4.09 1.20
C MET B 348 31.39 -5.16 0.13
N ASP B 349 31.62 -6.40 0.55
CA ASP B 349 31.75 -7.51 -0.39
C ASP B 349 30.44 -7.83 -1.08
N PHE B 350 29.38 -7.90 -0.29
CA PHE B 350 28.03 -7.98 -0.85
C PHE B 350 27.74 -6.83 -1.83
N ILE B 351 28.09 -5.61 -1.43
CA ILE B 351 27.79 -4.46 -2.28
C ILE B 351 28.47 -4.62 -3.64
N LYS B 352 29.75 -4.97 -3.63
CA LYS B 352 30.49 -5.11 -4.89
C LYS B 352 29.94 -6.23 -5.77
N TRP B 353 29.48 -7.31 -5.14
CA TRP B 353 28.90 -8.44 -5.86
C TRP B 353 27.67 -7.96 -6.63
N THR B 354 26.88 -7.18 -5.90
CA THR B 354 25.68 -6.51 -6.37
C THR B 354 25.92 -5.59 -7.59
N MET B 355 27.13 -5.06 -7.69
CA MET B 355 27.55 -4.10 -8.71
C MET B 355 27.93 -4.76 -10.04
N ASP B 356 28.20 -6.06 -10.05
CA ASP B 356 28.54 -6.77 -11.29
C ASP B 356 27.62 -6.32 -12.43
N PRO B 357 28.22 -5.83 -13.55
CA PRO B 357 27.47 -5.13 -14.58
C PRO B 357 26.23 -5.87 -15.09
N GLN B 358 26.34 -7.16 -15.38
CA GLN B 358 25.16 -7.90 -15.80
C GLN B 358 24.13 -8.05 -14.67
N ARG B 359 24.58 -8.27 -13.43
CA ARG B 359 23.67 -8.37 -12.29
C ARG B 359 22.90 -7.05 -12.05
N ILE B 360 23.61 -5.92 -11.95
CA ILE B 360 22.97 -4.63 -11.64
C ILE B 360 22.06 -4.10 -12.77
N ALA B 361 22.38 -4.44 -14.01
CA ALA B 361 21.48 -4.18 -15.13
C ALA B 361 20.21 -4.99 -14.98
N ASP B 362 20.34 -6.27 -14.62
CA ASP B 362 19.18 -7.12 -14.37
C ASP B 362 18.30 -6.52 -13.25
N THR B 363 18.90 -6.17 -12.11
CA THR B 363 18.19 -5.49 -11.01
C THR B 363 17.48 -4.16 -11.46
N ALA B 364 18.19 -3.29 -12.17
CA ALA B 364 17.64 -2.03 -12.68
C ALA B 364 16.44 -2.23 -13.61
N ASP B 365 16.53 -3.19 -14.53
CA ASP B 365 15.38 -3.63 -15.33
C ASP B 365 14.19 -4.12 -14.48
N LYS B 366 14.46 -4.97 -13.51
CA LYS B 366 13.42 -5.52 -12.65
C LYS B 366 12.64 -4.41 -11.97
N VAL B 367 13.34 -3.44 -11.37
CA VAL B 367 12.71 -2.39 -10.56
C VAL B 367 12.42 -1.11 -11.36
N TYR B 368 12.74 -1.10 -12.66
CA TYR B 368 12.62 0.10 -13.52
C TYR B 368 13.36 1.32 -12.92
N ASN B 369 14.64 1.11 -12.57
CA ASN B 369 15.53 2.22 -12.25
C ASN B 369 16.65 2.32 -13.28
N ILE B 370 17.48 3.36 -13.15
CA ILE B 370 18.68 3.45 -13.96
C ILE B 370 19.88 2.88 -13.20
N ALA B 371 20.55 1.89 -13.81
CA ALA B 371 21.78 1.33 -13.24
C ALA B 371 22.78 2.46 -12.97
N PRO B 372 23.40 2.47 -11.78
CA PRO B 372 24.32 3.56 -11.46
C PRO B 372 25.69 3.34 -12.11
N ILE B 373 25.83 2.27 -12.87
CA ILE B 373 27.10 1.89 -13.48
C ILE B 373 26.96 2.05 -15.00
N VAL B 374 27.86 2.85 -15.57
CA VAL B 374 27.73 3.31 -16.94
C VAL B 374 27.49 2.17 -17.92
N GLU B 375 28.36 1.16 -17.86
CA GLU B 375 28.34 0.01 -18.75
C GLU B 375 27.01 -0.76 -18.63
N ALA B 376 26.51 -0.90 -17.40
CA ALA B 376 25.24 -1.57 -17.12
C ALA B 376 24.04 -0.79 -17.65
N ALA B 377 24.06 0.54 -17.51
CA ALA B 377 23.00 1.37 -18.06
C ALA B 377 22.88 1.13 -19.57
N LYS B 378 24.01 0.98 -20.24
CA LYS B 378 24.08 0.70 -21.70
C LYS B 378 23.39 -0.61 -22.12
N ILE B 379 23.51 -1.65 -21.31
CA ILE B 379 22.99 -2.97 -21.66
C ILE B 379 21.63 -3.33 -21.05
N GLN B 380 21.05 -2.41 -20.26
CA GLN B 380 19.73 -2.65 -19.69
C GLN B 380 18.73 -2.95 -20.79
N LYS B 381 17.88 -3.94 -20.58
CA LYS B 381 16.83 -4.27 -21.54
C LYS B 381 15.76 -3.17 -21.68
N LEU B 382 15.56 -2.37 -20.63
CA LEU B 382 14.59 -1.26 -20.67
C LEU B 382 14.97 -0.17 -21.66
N ASN B 383 16.23 -0.16 -22.09
CA ASN B 383 16.69 0.72 -23.14
C ASN B 383 15.86 0.64 -24.41
N ASN B 384 15.23 -0.51 -24.67
CA ASN B 384 14.33 -0.71 -25.82
C ASN B 384 12.83 -0.58 -25.49
N ASP B 385 12.52 -0.14 -24.27
CA ASP B 385 11.16 0.04 -23.81
C ASP B 385 10.68 1.46 -24.17
N PRO B 386 9.55 1.57 -24.90
CA PRO B 386 8.95 2.87 -25.26
C PRO B 386 8.78 3.85 -24.08
N TYR B 387 8.34 3.40 -22.90
CA TYR B 387 8.21 4.30 -21.74
C TYR B 387 9.54 4.73 -21.14
N PHE B 388 10.42 3.77 -20.92
CA PHE B 388 11.70 4.04 -20.30
C PHE B 388 12.64 4.87 -21.19
N LYS B 389 12.51 4.72 -22.51
CA LYS B 389 13.18 5.63 -23.43
C LYS B 389 12.77 7.10 -23.27
N GLU B 390 11.49 7.36 -22.98
CA GLU B 390 11.05 8.74 -22.66
C GLU B 390 11.83 9.24 -21.46
N VAL B 391 11.97 8.35 -20.48
CA VAL B 391 12.67 8.63 -19.23
C VAL B 391 14.14 8.96 -19.48
N LEU B 392 14.76 8.25 -20.41
CA LEU B 392 16.18 8.41 -20.70
C LEU B 392 16.39 9.71 -21.42
N ASN B 393 15.44 10.04 -22.28
CA ASN B 393 15.43 11.30 -22.95
C ASN B 393 15.40 12.43 -21.94
N VAL B 394 14.67 12.22 -20.84
CA VAL B 394 14.56 13.23 -19.81
C VAL B 394 15.92 13.41 -19.13
N ALA B 395 16.60 12.31 -18.80
CA ALA B 395 17.93 12.38 -18.23
C ALA B 395 18.87 13.18 -19.12
N GLN B 396 18.78 12.97 -20.44
CA GLN B 396 19.63 13.61 -21.46
C GLN B 396 19.29 15.07 -21.79
N LYS B 397 18.00 15.37 -22.00
CA LYS B 397 17.55 16.67 -22.50
C LYS B 397 17.11 17.65 -21.41
N GLY B 398 16.60 17.13 -20.29
CA GLY B 398 16.05 17.99 -19.24
C GLY B 398 17.04 18.85 -18.50
N SER B 399 16.52 19.80 -17.72
CA SER B 399 17.36 20.67 -16.90
C SER B 399 17.54 20.03 -15.55
N ILE B 400 18.61 19.26 -15.46
CA ILE B 400 18.86 18.39 -14.31
C ILE B 400 19.41 19.19 -13.14
N TYR B 401 18.85 18.92 -11.96
CA TYR B 401 19.48 19.35 -10.72
C TYR B 401 19.58 18.16 -9.77
N TYR B 402 20.30 18.37 -8.68
CA TYR B 402 20.71 17.31 -7.75
C TYR B 402 20.31 17.67 -6.35
N THR B 403 20.44 16.68 -5.47
CA THR B 403 20.22 16.86 -4.05
C THR B 403 21.28 17.83 -3.51
N PRO B 404 20.83 18.91 -2.84
CA PRO B 404 21.78 19.79 -2.13
C PRO B 404 22.40 19.06 -0.93
N ALA B 405 23.57 19.47 -0.49
CA ALA B 405 24.25 18.83 0.63
C ALA B 405 24.26 19.75 1.84
N ALA B 406 23.46 19.42 2.85
CA ALA B 406 23.41 20.22 4.09
C ALA B 406 23.15 19.31 5.28
N LYS B 407 24.03 19.39 6.28
CA LYS B 407 23.96 18.51 7.45
C LYS B 407 22.58 18.53 8.12
N GLY B 408 21.84 19.61 7.92
CA GLY B 408 20.50 19.74 8.52
C GLY B 408 19.33 19.62 7.54
N MET B 409 19.57 18.98 6.39
CA MET B 409 18.56 18.85 5.33
C MET B 409 17.24 18.31 5.87
N LEU B 410 17.32 17.22 6.61
CA LEU B 410 16.13 16.49 7.03
C LEU B 410 15.19 17.29 7.92
N SER B 411 15.74 18.03 8.88
CA SER B 411 14.91 18.83 9.76
C SER B 411 14.39 20.04 9.03
N THR B 412 15.13 20.51 8.02
CA THR B 412 14.69 21.62 7.21
C THR B 412 13.48 21.17 6.39
N GLU B 413 13.52 19.93 5.94
CA GLU B 413 12.45 19.35 5.11
C GLU B 413 11.22 19.09 5.95
N THR B 414 11.44 18.70 7.20
CA THR B 414 10.32 18.46 8.10
C THR B 414 9.50 19.74 8.31
N ALA B 415 10.20 20.84 8.56
CA ALA B 415 9.55 22.11 8.79
C ALA B 415 8.80 22.55 7.50
N ALA B 416 9.46 22.43 6.35
CA ALA B 416 8.86 22.81 5.07
C ALA B 416 7.62 21.96 4.74
N ASN B 417 7.68 20.68 5.06
CA ASN B 417 6.54 19.79 4.82
C ASN B 417 5.34 20.15 5.67
N ASN B 418 5.61 20.50 6.93
CA ASN B 418 4.53 20.94 7.81
C ASN B 418 3.96 22.28 7.33
N ALA B 419 4.80 23.14 6.77
CA ALA B 419 4.31 24.42 6.31
C ALA B 419 3.42 24.31 5.07
N PHE B 420 3.77 23.37 4.19
CA PHE B 420 2.96 23.06 3.00
C PHE B 420 1.60 22.48 3.36
N GLN B 421 1.59 21.54 4.31
CA GLN B 421 0.32 20.94 4.76
C GLN B 421 -0.54 21.93 5.54
N ALA B 422 0.08 22.74 6.41
CA ALA B 422 -0.66 23.78 7.12
C ALA B 422 -1.35 24.72 6.13
N ALA B 423 -0.63 25.19 5.11
CA ALA B 423 -1.20 26.04 4.08
C ALA B 423 -2.27 25.39 3.20
N GLN B 424 -2.02 24.15 2.74
CA GLN B 424 -3.00 23.38 1.95
C GLN B 424 -4.39 23.27 2.64
N TYR B 425 -4.39 23.05 3.96
CA TYR B 425 -5.62 22.93 4.73
C TYR B 425 -6.06 24.29 5.28
N LYS B 426 -5.39 25.36 4.85
CA LYS B 426 -5.79 26.74 5.17
C LYS B 426 -5.69 27.12 6.66
N LYS B 427 -4.88 26.40 7.44
CA LYS B 427 -4.64 26.76 8.84
C LYS B 427 -3.85 28.07 8.94
N SER B 428 -3.03 28.33 7.93
CA SER B 428 -2.24 29.55 7.84
C SER B 428 -2.27 29.97 6.40
N THR B 429 -1.91 31.22 6.16
CA THR B 429 -1.62 31.71 4.82
C THR B 429 -0.27 31.16 4.37
N PRO B 430 -0.05 31.01 3.05
CA PRO B 430 1.27 30.65 2.52
C PRO B 430 2.41 31.49 3.14
N GLU B 431 2.24 32.81 3.15
CA GLU B 431 3.21 33.73 3.75
C GLU B 431 3.54 33.33 5.20
N GLN B 432 2.50 33.21 6.04
CA GLN B 432 2.70 32.95 7.47
C GLN B 432 3.21 31.53 7.76
N ALA B 433 2.66 30.54 7.05
CA ALA B 433 3.12 29.16 7.17
C ALA B 433 4.63 29.10 6.95
N LEU B 434 5.09 29.81 5.94
CA LEU B 434 6.51 29.84 5.58
C LEU B 434 7.43 30.62 6.54
N LYS B 435 6.96 31.75 7.06
CA LYS B 435 7.58 32.40 8.24
C LYS B 435 7.74 31.44 9.42
N ASN B 436 6.69 30.68 9.74
CA ASN B 436 6.76 29.72 10.87
C ASN B 436 7.75 28.58 10.63
N ALA B 437 7.82 28.11 9.38
CA ALA B 437 8.78 27.08 9.01
C ALA B 437 10.25 27.54 9.15
N GLN B 438 10.54 28.80 8.84
CA GLN B 438 11.88 29.34 9.07
C GLN B 438 12.18 29.27 10.55
N ALA B 439 11.27 29.78 11.38
CA ALA B 439 11.46 29.71 12.82
C ALA B 439 11.66 28.25 13.25
N GLU B 440 10.73 27.35 12.89
CA GLU B 440 10.86 25.94 13.26
C GLU B 440 12.21 25.32 12.84
N ALA B 441 12.68 25.65 11.63
CA ALA B 441 13.93 25.06 11.12
C ALA B 441 15.22 25.57 11.78
N GLU B 442 15.19 26.76 12.39
CA GLU B 442 16.39 27.34 12.99
C GLU B 442 16.71 26.85 14.41
C1 MAN C . -15.04 -3.27 1.07
C2 MAN C . -15.20 -4.78 1.12
C3 MAN C . -13.90 -5.48 1.57
C4 MAN C . -12.62 -4.88 0.98
C5 MAN C . -12.72 -3.36 0.92
C6 MAN C . -11.55 -2.71 0.19
O1 MAN C . -14.79 -2.82 2.38
O2 MAN C . -15.53 -5.22 -0.18
O3 MAN C . -14.01 -6.83 1.17
O4 MAN C . -11.49 -5.19 1.78
O5 MAN C . -13.91 -2.98 0.28
O6 MAN C . -11.25 -3.53 -0.89
C1 BMA C . -10.95 -6.50 1.49
C2 BMA C . -9.43 -6.47 1.60
C3 BMA C . -8.87 -7.88 1.39
C4 BMA C . -9.49 -8.91 2.34
C5 BMA C . -11.01 -8.84 2.18
C6 BMA C . -11.69 -9.77 3.18
O2 BMA C . -9.08 -5.98 2.90
O3 BMA C . -7.43 -7.90 1.43
O4 BMA C . -9.12 -10.23 1.93
O5 BMA C . -11.48 -7.51 2.38
O6 BMA C . -13.09 -9.88 2.88
C1 BMA C . -8.17 -10.84 2.79
C2 BMA C . -8.24 -12.36 2.60
C3 BMA C . -7.10 -13.08 3.30
C4 BMA C . -5.76 -12.44 2.92
C5 BMA C . -5.76 -10.92 3.08
C6 BMA C . -4.50 -10.32 2.45
O2 BMA C . -8.14 -12.68 1.20
O3 BMA C . -7.09 -14.45 2.90
O4 BMA C . -4.72 -12.98 3.74
O5 BMA C . -6.88 -10.34 2.43
O6 BMA C . -4.55 -8.93 2.73
C1 MAN D . 8.40 12.50 2.16
C2 MAN D . 9.66 12.48 1.28
C3 MAN D . 9.70 11.40 0.20
C4 MAN D . 8.98 10.10 0.58
C5 MAN D . 7.68 10.41 1.32
C6 MAN D . 6.93 9.15 1.75
O1 MAN D . 7.39 13.20 1.47
O2 MAN D . 10.75 12.21 2.12
O3 MAN D . 11.07 11.11 0.01
O4 MAN D . 8.65 9.35 -0.58
O5 MAN D . 7.93 11.21 2.47
O6 MAN D . 7.88 8.17 2.09
C1 BMA D . 9.65 8.42 -0.99
C2 BMA D . 8.97 7.14 -1.43
C3 BMA D . 10.07 6.17 -1.93
C4 BMA D . 10.95 6.78 -3.02
C5 BMA D . 11.49 8.10 -2.50
C6 BMA D . 12.25 8.80 -3.60
O2 BMA D . 8.05 7.45 -2.47
O3 BMA D . 9.46 4.99 -2.42
O4 BMA D . 12.07 5.94 -3.33
O5 BMA D . 10.41 8.95 -2.08
O6 BMA D . 12.72 10.04 -3.09
C1 BMA D . 12.04 5.25 -4.60
C2 BMA D . 13.46 4.92 -5.04
C3 BMA D . 13.46 3.98 -6.25
C4 BMA D . 12.54 2.79 -6.04
C5 BMA D . 11.15 3.27 -5.59
C6 BMA D . 10.21 2.12 -5.24
O2 BMA D . 14.10 4.19 -3.98
O3 BMA D . 14.77 3.45 -6.53
O4 BMA D . 12.43 2.12 -7.29
O5 BMA D . 11.30 4.06 -4.42
O6 BMA D . 9.01 2.72 -4.71
ZN ZN E . 6.27 -8.91 -2.76
ZN ZN F . -19.71 -9.07 1.59
ZN ZN G . -1.05 -32.52 -11.93
ZN ZN H . -7.79 -28.72 -20.99
ZN ZN I . 32.35 -12.93 -3.01
ZN ZN J . 34.15 -9.19 8.87
ZN ZN K . -1.68 11.19 -30.53
ZN ZN L . 15.28 15.46 0.53
#